data_9UDE
#
_entry.id   9UDE
#
_cell.length_a   67.622
_cell.length_b   52.765
_cell.length_c   145.829
_cell.angle_alpha   90.00
_cell.angle_beta   92.37
_cell.angle_gamma   90.00
#
_symmetry.space_group_name_H-M   'P 1 21 1'
#
loop_
_entity.id
_entity.type
_entity.pdbx_description
1 polymer MonCI
2 non-polymer 'FLAVIN-ADENINE DINUCLEOTIDE'
3 non-polymer 'diepoxidized farnesyl acetate'
4 non-polymer GLYCEROL
5 non-polymer 'CHLORIDE ION'
6 water water
#
_entity_poly.entity_id   1
_entity_poly.type   'polypeptide(L)'
_entity_poly.pdbx_seq_one_letter_code
;MNHKVHHHHHHIEGRMTTTRPAHAVVLGASMAGTLAAHVLARHVDAVTVVERDALPEEPQHRKGVPQARHAHLLWSNGAR
LIEEMLPGTTDRLLAAGARRLGFPEDLVTLTGQGWQHRFPATQFALVASRPLLDLTVRQQALGADNITVRQRTEAVELTG
SGGGSGGRVTGVVVRDLDSGRQEQLEADLVIDATGRGSRLKQWLAALGVPALEEDVVDAGVAYATRLFKAPPGATTHFPA
VNIAADDRVREPGRFGVVYPIEGGRWLATLSCTRGAQLPTHEDEFIPFAENLNHPILADLLRDAEPLTPVFGSRSGANRR
LYPERLEQWPDGLLVIGDSLTAFNPIYGHGMSSAARCATTIDREFERSVQEGTGSARAGTRALQKAIGAAVDDPWILAAT
KDIDYVNCRVSATDPRLIGVDTEQRLRFAEAITAASIRSPKASEIVTDVMSLNAPQAELGSNRFLMAMRADERLPELTAP
PFLPEELAVVGLDAATISPTPTPTPTAAVRS
;
_entity_poly.pdbx_strand_id   A,B
#
loop_
_chem_comp.id
_chem_comp.type
_chem_comp.name
_chem_comp.formula
CL non-polymer 'CHLORIDE ION' 'Cl -1'
FAD non-polymer 'FLAVIN-ADENINE DINUCLEOTIDE' 'C27 H33 N9 O15 P2'
GOL non-polymer GLYCEROL 'C3 H8 O3'
YK6 non-polymer 'diepoxidized farnesyl acetate' 'C17 H28 O4'
#
# COMPACT_ATOMS: atom_id res chain seq x y z
N THR A 19 -12.24 4.06 23.60
CA THR A 19 -10.92 3.48 23.81
C THR A 19 -10.70 2.30 22.86
N ARG A 20 -9.57 1.61 23.06
CA ARG A 20 -9.23 0.46 22.23
C ARG A 20 -10.33 -0.58 22.27
N PRO A 21 -10.63 -1.25 21.15
CA PRO A 21 -11.45 -2.46 21.24
C PRO A 21 -10.71 -3.53 22.03
N ALA A 22 -11.48 -4.28 22.82
CA ALA A 22 -10.93 -5.33 23.67
C ALA A 22 -11.35 -6.73 23.27
N HIS A 23 -12.53 -6.89 22.66
CA HIS A 23 -13.03 -8.20 22.26
C HIS A 23 -13.66 -8.10 20.88
N ALA A 24 -13.22 -8.96 19.96
CA ALA A 24 -13.72 -8.97 18.59
C ALA A 24 -14.28 -10.34 18.25
N VAL A 25 -15.48 -10.36 17.67
CA VAL A 25 -16.14 -11.57 17.23
C VAL A 25 -16.09 -11.63 15.70
N VAL A 26 -15.38 -12.62 15.16
CA VAL A 26 -15.39 -12.90 13.73
C VAL A 26 -16.42 -14.00 13.45
N LEU A 27 -17.37 -13.69 12.57
CA LEU A 27 -18.44 -14.63 12.20
C LEU A 27 -18.04 -15.37 10.93
N GLY A 28 -17.77 -16.67 11.07
CA GLY A 28 -17.35 -17.47 9.93
C GLY A 28 -15.87 -17.79 10.01
N ALA A 29 -15.51 -19.03 9.65
CA ALA A 29 -14.14 -19.50 9.75
C ALA A 29 -13.63 -20.09 8.44
N SER A 30 -14.07 -19.54 7.30
CA SER A 30 -13.44 -19.91 6.04
C SER A 30 -12.29 -18.95 5.79
N MET A 31 -11.93 -18.72 4.53
CA MET A 31 -10.71 -17.97 4.22
C MET A 31 -10.76 -16.57 4.83
N ALA A 32 -11.85 -15.84 4.59
CA ALA A 32 -11.95 -14.47 5.09
C ALA A 32 -11.93 -14.42 6.61
N GLY A 33 -12.83 -15.17 7.25
CA GLY A 33 -12.90 -15.17 8.70
C GLY A 33 -11.60 -15.58 9.37
N THR A 34 -10.97 -16.64 8.86
CA THR A 34 -9.75 -17.16 9.48
C THR A 34 -8.63 -16.14 9.43
N LEU A 35 -8.41 -15.53 8.26
CA LEU A 35 -7.34 -14.55 8.12
C LEU A 35 -7.62 -13.31 8.97
N ALA A 36 -8.87 -12.83 8.97
CA ALA A 36 -9.20 -11.65 9.77
C ALA A 36 -9.05 -11.93 11.25
N ALA A 37 -9.41 -13.15 11.69
CA ALA A 37 -9.26 -13.50 13.09
C ALA A 37 -7.79 -13.55 13.51
N HIS A 38 -6.95 -14.15 12.67
CA HIS A 38 -5.52 -14.23 12.99
C HIS A 38 -4.91 -12.84 13.14
N VAL A 39 -5.33 -11.90 12.30
CA VAL A 39 -4.74 -10.56 12.33
C VAL A 39 -5.29 -9.75 13.50
N LEU A 40 -6.60 -9.82 13.72
CA LEU A 40 -7.20 -9.09 14.84
C LEU A 40 -6.62 -9.52 16.17
N ALA A 41 -6.23 -10.80 16.30
CA ALA A 41 -5.63 -11.26 17.54
C ALA A 41 -4.34 -10.53 17.87
N ARG A 42 -3.68 -9.93 16.88
CA ARG A 42 -2.48 -9.15 17.12
C ARG A 42 -2.78 -7.77 17.71
N HIS A 43 -4.00 -7.27 17.53
CA HIS A 43 -4.36 -5.94 17.98
C HIS A 43 -5.43 -5.93 19.07
N VAL A 44 -6.20 -7.00 19.21
CA VAL A 44 -7.30 -7.09 20.15
C VAL A 44 -6.95 -8.16 21.19
N ASP A 45 -7.30 -7.89 22.45
CA ASP A 45 -6.96 -8.81 23.53
C ASP A 45 -7.60 -10.18 23.31
N ALA A 46 -8.90 -10.21 22.98
CA ALA A 46 -9.65 -11.45 22.85
C ALA A 46 -10.34 -11.50 21.49
N VAL A 47 -10.26 -12.65 20.82
CA VAL A 47 -10.91 -12.86 19.54
C VAL A 47 -11.68 -14.18 19.60
N THR A 48 -13.00 -14.10 19.47
CA THR A 48 -13.86 -15.27 19.31
C THR A 48 -14.25 -15.44 17.85
N VAL A 49 -14.14 -16.66 17.33
CA VAL A 49 -14.61 -17.01 16.00
C VAL A 49 -15.86 -17.88 16.12
N VAL A 50 -16.94 -17.48 15.45
CA VAL A 50 -18.22 -18.19 15.47
C VAL A 50 -18.39 -18.88 14.13
N GLU A 51 -18.28 -20.21 14.11
CA GLU A 51 -18.39 -21.00 12.90
C GLU A 51 -19.54 -22.00 13.01
N ARG A 52 -20.41 -21.99 12.00
CA ARG A 52 -21.58 -22.88 12.02
C ARG A 52 -21.16 -24.34 11.91
N ASP A 53 -20.23 -24.66 11.01
CA ASP A 53 -19.84 -26.03 10.80
C ASP A 53 -18.91 -26.52 11.91
N ALA A 54 -18.73 -27.84 11.95
CA ALA A 54 -17.60 -28.40 12.65
C ALA A 54 -16.41 -28.39 11.70
N LEU A 55 -15.23 -28.05 12.23
CA LEU A 55 -14.06 -27.89 11.39
C LEU A 55 -13.21 -29.14 11.45
N PRO A 56 -13.02 -29.85 10.35
CA PRO A 56 -12.24 -31.09 10.38
C PRO A 56 -10.76 -30.78 10.55
N GLU A 57 -10.08 -31.68 11.25
CA GLU A 57 -8.63 -31.62 11.38
C GLU A 57 -7.92 -32.36 10.25
N GLU A 58 -8.68 -33.00 9.37
CA GLU A 58 -8.22 -33.62 8.14
C GLU A 58 -8.84 -32.90 6.95
N PRO A 59 -8.13 -32.81 5.81
CA PRO A 59 -8.69 -32.12 4.65
C PRO A 59 -9.98 -32.79 4.17
N GLN A 60 -11.11 -32.14 4.41
CA GLN A 60 -12.42 -32.72 4.12
C GLN A 60 -13.39 -31.61 3.77
N HIS A 61 -14.32 -31.91 2.87
CA HIS A 61 -15.36 -30.95 2.52
C HIS A 61 -16.32 -30.77 3.70
N ARG A 62 -17.12 -29.70 3.61
CA ARG A 62 -18.08 -29.40 4.67
C ARG A 62 -19.16 -28.48 4.11
N LYS A 63 -20.35 -28.55 4.73
CA LYS A 63 -21.53 -27.89 4.19
C LYS A 63 -21.35 -26.38 4.06
N GLY A 64 -20.49 -25.77 4.88
CA GLY A 64 -20.36 -24.32 4.87
C GLY A 64 -19.57 -23.76 3.71
N VAL A 65 -18.70 -24.57 3.10
CA VAL A 65 -17.93 -24.13 1.93
C VAL A 65 -18.20 -25.13 0.81
N PRO A 66 -19.41 -25.16 0.23
CA PRO A 66 -19.68 -26.12 -0.84
C PRO A 66 -18.93 -25.80 -2.13
N GLN A 67 -18.50 -24.56 -2.31
CA GLN A 67 -17.69 -24.20 -3.47
C GLN A 67 -16.37 -24.96 -3.52
N ALA A 68 -15.93 -25.51 -2.39
CA ALA A 68 -14.66 -26.23 -2.34
C ALA A 68 -14.64 -27.44 -3.28
N ARG A 69 -15.80 -27.88 -3.76
CA ARG A 69 -15.83 -29.00 -4.71
C ARG A 69 -15.21 -28.61 -6.05
N HIS A 70 -15.20 -27.33 -6.39
CA HIS A 70 -14.76 -26.87 -7.70
C HIS A 70 -13.33 -26.34 -7.63
N ALA A 71 -12.73 -26.21 -8.81
CA ALA A 71 -11.33 -25.79 -8.94
C ALA A 71 -11.09 -24.46 -8.23
N HIS A 72 -9.94 -24.35 -7.57
CA HIS A 72 -9.58 -23.15 -6.81
C HIS A 72 -8.14 -22.77 -7.09
N LEU A 73 -7.96 -21.62 -7.76
CA LEU A 73 -6.64 -21.03 -7.94
C LEU A 73 -6.38 -20.01 -6.85
N LEU A 74 -5.23 -20.12 -6.18
CA LEU A 74 -4.75 -19.10 -5.27
C LEU A 74 -3.72 -18.24 -6.01
N TRP A 75 -4.18 -17.12 -6.56
CA TRP A 75 -3.31 -16.26 -7.35
C TRP A 75 -2.16 -15.72 -6.49
N SER A 76 -1.08 -15.31 -7.17
CA SER A 76 0.12 -14.81 -6.51
C SER A 76 -0.20 -13.74 -5.47
N ASN A 77 -1.10 -12.81 -5.81
CA ASN A 77 -1.48 -11.76 -4.87
C ASN A 77 -1.91 -12.35 -3.52
N GLY A 78 -2.94 -13.20 -3.53
CA GLY A 78 -3.36 -13.86 -2.30
C GLY A 78 -2.25 -14.68 -1.68
N ALA A 79 -1.51 -15.44 -2.50
CA ALA A 79 -0.45 -16.29 -1.98
C ALA A 79 0.62 -15.47 -1.27
N ARG A 80 1.05 -14.37 -1.87
CA ARG A 80 2.08 -13.54 -1.26
C ARG A 80 1.56 -12.82 -0.02
N LEU A 81 0.30 -12.37 -0.06
CA LEU A 81 -0.28 -11.72 1.12
C LEU A 81 -0.45 -12.70 2.27
N ILE A 82 -0.94 -13.91 1.99
CA ILE A 82 -1.05 -14.94 3.02
C ILE A 82 0.32 -15.32 3.54
N GLU A 83 1.30 -15.44 2.64
CA GLU A 83 2.66 -15.78 3.06
C GLU A 83 3.24 -14.74 4.01
N GLU A 84 2.88 -13.47 3.82
CA GLU A 84 3.37 -12.42 4.71
C GLU A 84 2.69 -12.48 6.06
N MET A 85 1.38 -12.74 6.08
CA MET A 85 0.66 -12.88 7.35
C MET A 85 1.08 -14.15 8.08
N LEU A 86 1.32 -15.23 7.34
CA LEU A 86 1.56 -16.56 7.92
C LEU A 86 2.78 -17.17 7.25
N PRO A 87 3.98 -16.76 7.63
CA PRO A 87 5.19 -17.34 7.03
C PRO A 87 5.20 -18.86 7.13
N GLY A 88 5.63 -19.50 6.06
CA GLY A 88 5.70 -20.96 5.99
C GLY A 88 4.52 -21.62 5.32
N THR A 89 3.44 -20.88 5.07
CA THR A 89 2.22 -21.50 4.53
C THR A 89 2.45 -22.07 3.14
N THR A 90 3.18 -21.35 2.29
CA THR A 90 3.44 -21.85 0.93
C THR A 90 4.24 -23.15 0.98
N ASP A 91 5.34 -23.16 1.74
CA ASP A 91 6.14 -24.37 1.87
C ASP A 91 5.32 -25.53 2.43
N ARG A 92 4.41 -25.24 3.36
CA ARG A 92 3.56 -26.28 3.91
C ARG A 92 2.59 -26.81 2.87
N LEU A 93 2.02 -25.92 2.04
CA LEU A 93 1.11 -26.36 1.00
C LEU A 93 1.82 -27.23 -0.03
N LEU A 94 3.04 -26.83 -0.43
CA LEU A 94 3.76 -27.60 -1.44
C LEU A 94 4.27 -28.92 -0.88
N ALA A 95 4.62 -28.96 0.40
CA ALA A 95 4.93 -30.23 1.04
C ALA A 95 3.75 -31.19 0.95
N ALA A 96 2.53 -30.67 1.02
CA ALA A 96 1.31 -31.46 0.97
C ALA A 96 0.92 -31.83 -0.46
N GLY A 97 1.73 -31.53 -1.46
CA GLY A 97 1.46 -31.91 -2.83
C GLY A 97 0.84 -30.84 -3.71
N ALA A 98 0.63 -29.63 -3.19
CA ALA A 98 0.16 -28.55 -4.04
C ALA A 98 1.22 -28.23 -5.10
N ARG A 99 0.78 -27.54 -6.15
CA ARG A 99 1.65 -27.15 -7.25
C ARG A 99 1.60 -25.65 -7.45
N ARG A 100 2.75 -25.06 -7.78
CA ARG A 100 2.84 -23.65 -8.15
C ARG A 100 2.82 -23.59 -9.68
N LEU A 101 1.66 -23.28 -10.24
CA LEU A 101 1.53 -23.11 -11.67
C LEU A 101 2.05 -21.74 -12.09
N GLY A 102 3.00 -21.73 -13.04
CA GLY A 102 3.50 -20.50 -13.60
C GLY A 102 2.70 -20.08 -14.81
N PHE A 103 2.30 -18.79 -14.85
CA PHE A 103 1.53 -18.27 -15.96
C PHE A 103 2.40 -17.42 -16.85
N PRO A 104 2.31 -17.58 -18.19
CA PRO A 104 1.47 -18.56 -18.88
C PRO A 104 2.20 -19.87 -19.17
N GLU A 105 3.41 -20.02 -18.60
CA GLU A 105 4.31 -21.09 -19.00
C GLU A 105 3.71 -22.47 -18.74
N ASP A 106 3.02 -22.65 -17.62
CA ASP A 106 2.56 -23.96 -17.18
C ASP A 106 1.13 -24.26 -17.59
N LEU A 107 0.58 -23.54 -18.56
CA LEU A 107 -0.80 -23.75 -18.98
C LEU A 107 -0.89 -23.83 -20.49
N VAL A 108 -1.84 -24.61 -20.97
CA VAL A 108 -2.25 -24.63 -22.36
C VAL A 108 -3.64 -24.00 -22.42
N THR A 109 -3.70 -22.76 -22.89
CA THR A 109 -4.91 -21.97 -22.83
C THR A 109 -5.38 -21.60 -24.22
N LEU A 110 -6.67 -21.81 -24.49
CA LEU A 110 -7.31 -21.34 -25.71
C LEU A 110 -8.16 -20.13 -25.35
N THR A 111 -7.90 -19.02 -26.03
CA THR A 111 -8.66 -17.79 -25.85
C THR A 111 -9.51 -17.53 -27.08
N GLY A 112 -10.37 -16.52 -26.98
CA GLY A 112 -11.14 -16.08 -28.13
C GLY A 112 -10.29 -15.69 -29.32
N GLN A 113 -9.01 -15.38 -29.10
CA GLN A 113 -8.11 -14.94 -30.17
C GLN A 113 -7.11 -15.99 -30.59
N GLY A 114 -7.12 -17.17 -29.96
CA GLY A 114 -6.19 -18.23 -30.28
C GLY A 114 -5.43 -18.72 -29.06
N TRP A 115 -4.49 -19.62 -29.32
CA TRP A 115 -3.73 -20.24 -28.25
C TRP A 115 -2.72 -19.26 -27.64
N GLN A 116 -2.54 -19.36 -26.33
CA GLN A 116 -1.57 -18.56 -25.60
C GLN A 116 -0.17 -19.16 -25.77
N HIS A 117 0.78 -18.36 -26.26
CA HIS A 117 2.16 -18.79 -26.27
C HIS A 117 2.67 -18.92 -24.83
N ARG A 118 3.28 -20.06 -24.53
CA ARG A 118 3.71 -20.37 -23.16
C ARG A 118 5.02 -19.63 -22.86
N PHE A 119 4.91 -18.31 -22.78
CA PHE A 119 6.03 -17.46 -22.41
C PHE A 119 6.54 -17.84 -21.03
N PRO A 120 7.82 -17.56 -20.74
CA PRO A 120 8.35 -17.82 -19.40
C PRO A 120 7.46 -17.22 -18.32
N ALA A 121 7.29 -17.98 -17.24
CA ALA A 121 6.34 -17.62 -16.19
C ALA A 121 6.68 -16.25 -15.59
N THR A 122 5.71 -15.34 -15.64
CA THR A 122 5.85 -14.04 -14.99
C THR A 122 4.93 -13.87 -13.79
N GLN A 123 3.97 -14.76 -13.60
CA GLN A 123 3.15 -14.80 -12.40
C GLN A 123 2.92 -16.26 -12.02
N PHE A 124 2.28 -16.47 -10.88
CA PHE A 124 2.05 -17.84 -10.42
C PHE A 124 0.75 -17.90 -9.65
N ALA A 125 0.19 -19.10 -9.59
CA ALA A 125 -0.91 -19.41 -8.69
C ALA A 125 -0.61 -20.73 -8.00
N LEU A 126 -1.07 -20.84 -6.76
CA LEU A 126 -0.98 -22.10 -6.03
C LEU A 126 -2.27 -22.86 -6.27
N VAL A 127 -2.15 -24.11 -6.70
CA VAL A 127 -3.30 -24.93 -7.04
C VAL A 127 -3.29 -26.18 -6.17
N ALA A 128 -4.46 -26.52 -5.64
CA ALA A 128 -4.66 -27.62 -4.70
C ALA A 128 -6.14 -27.69 -4.40
N SER A 129 -6.58 -28.83 -3.87
CA SER A 129 -7.94 -28.95 -3.40
C SER A 129 -8.21 -27.89 -2.33
N ARG A 130 -9.34 -27.21 -2.45
CA ARG A 130 -9.67 -26.15 -1.49
C ARG A 130 -9.67 -26.62 -0.04
N PRO A 131 -10.19 -27.80 0.33
CA PRO A 131 -10.11 -28.22 1.74
C PRO A 131 -8.68 -28.34 2.26
N LEU A 132 -7.73 -28.75 1.42
CA LEU A 132 -6.34 -28.79 1.87
C LEU A 132 -5.82 -27.38 2.16
N LEU A 133 -6.17 -26.42 1.30
CA LEU A 133 -5.73 -25.04 1.54
C LEU A 133 -6.39 -24.46 2.78
N ASP A 134 -7.68 -24.72 2.97
CA ASP A 134 -8.38 -24.20 4.15
C ASP A 134 -7.78 -24.75 5.43
N LEU A 135 -7.54 -26.06 5.48
CA LEU A 135 -6.96 -26.67 6.67
C LEU A 135 -5.58 -26.12 6.96
N THR A 136 -4.76 -25.95 5.91
CA THR A 136 -3.39 -25.50 6.11
C THR A 136 -3.34 -24.05 6.58
N VAL A 137 -4.35 -23.26 6.24
CA VAL A 137 -4.41 -21.88 6.71
C VAL A 137 -4.94 -21.82 8.15
N ARG A 138 -6.01 -22.57 8.44
CA ARG A 138 -6.50 -22.65 9.81
C ARG A 138 -5.41 -23.07 10.77
N GLN A 139 -4.61 -24.06 10.38
CA GLN A 139 -3.50 -24.52 11.23
C GLN A 139 -2.52 -23.39 11.51
N GLN A 140 -2.10 -22.66 10.48
CA GLN A 140 -1.13 -21.59 10.68
C GLN A 140 -1.72 -20.41 11.45
N ALA A 141 -3.03 -20.20 11.36
CA ALA A 141 -3.64 -18.94 11.79
C ALA A 141 -4.35 -19.00 13.13
N LEU A 142 -5.11 -20.07 13.39
CA LEU A 142 -6.00 -20.11 14.56
C LEU A 142 -5.32 -20.68 15.80
N GLY A 143 -4.04 -21.03 15.73
CA GLY A 143 -3.35 -21.56 16.89
C GLY A 143 -3.19 -20.57 18.04
N ALA A 144 -3.40 -19.29 17.78
CA ALA A 144 -3.09 -18.26 18.76
C ALA A 144 -3.81 -18.51 20.09
N ASP A 145 -3.14 -18.15 21.18
CA ASP A 145 -3.68 -18.36 22.51
C ASP A 145 -4.95 -17.56 22.74
N ASN A 146 -5.04 -16.36 22.17
CA ASN A 146 -6.15 -15.45 22.43
C ASN A 146 -7.22 -15.53 21.36
N ILE A 147 -7.26 -16.62 20.60
CA ILE A 147 -8.36 -16.92 19.68
C ILE A 147 -9.11 -18.13 20.22
N THR A 148 -10.39 -17.95 20.54
CA THR A 148 -11.27 -19.04 20.88
C THR A 148 -12.27 -19.21 19.74
N VAL A 149 -12.27 -20.37 19.11
CA VAL A 149 -13.19 -20.66 18.02
C VAL A 149 -14.32 -21.52 18.58
N ARG A 150 -15.55 -21.09 18.34
CA ARG A 150 -16.72 -21.83 18.81
C ARG A 150 -17.33 -22.51 17.59
N GLN A 151 -16.92 -23.75 17.36
CA GLN A 151 -17.48 -24.52 16.26
C GLN A 151 -18.92 -24.89 16.57
N ARG A 152 -19.62 -25.38 15.55
CA ARG A 152 -21.01 -25.81 15.69
C ARG A 152 -21.86 -24.73 16.37
N THR A 153 -21.56 -23.47 16.04
CA THR A 153 -22.26 -22.33 16.60
C THR A 153 -22.65 -21.39 15.47
N GLU A 154 -23.90 -20.94 15.49
CA GLU A 154 -24.46 -20.13 14.42
C GLU A 154 -24.73 -18.71 14.92
N ALA A 155 -24.32 -17.72 14.14
CA ALA A 155 -24.70 -16.34 14.40
C ALA A 155 -26.13 -16.13 13.93
N VAL A 156 -26.97 -15.56 14.81
CA VAL A 156 -28.39 -15.43 14.56
C VAL A 156 -28.78 -14.01 14.21
N GLU A 157 -28.26 -13.03 14.94
CA GLU A 157 -28.54 -11.62 14.66
C GLU A 157 -27.53 -10.77 15.42
N LEU A 158 -27.59 -9.47 15.15
CA LEU A 158 -26.71 -8.50 15.78
C LEU A 158 -27.50 -7.72 16.82
N THR A 159 -26.85 -7.39 17.93
CA THR A 159 -27.47 -6.54 18.94
C THR A 159 -26.91 -5.13 18.89
N GLY A 160 -27.68 -4.19 19.42
CA GLY A 160 -27.38 -2.79 19.51
C GLY A 160 -28.48 -1.98 18.88
N SER A 161 -28.23 -0.68 18.73
CA SER A 161 -29.13 0.21 18.00
C SER A 161 -28.56 0.47 16.61
N GLY A 162 -29.32 1.21 15.81
CA GLY A 162 -28.89 1.53 14.47
C GLY A 162 -29.81 2.54 13.83
N GLY A 163 -29.26 3.22 12.84
CA GLY A 163 -29.98 4.26 12.14
C GLY A 163 -29.97 5.53 12.96
N GLY A 164 -29.55 6.58 12.28
CA GLY A 164 -29.52 7.86 12.92
C GLY A 164 -28.45 8.07 13.95
N SER A 165 -28.07 9.35 13.98
CA SER A 165 -27.38 9.97 15.11
C SER A 165 -26.15 9.13 15.40
N GLY A 166 -26.11 8.18 16.33
CA GLY A 166 -24.86 7.41 16.43
C GLY A 166 -24.97 5.94 16.80
N GLY A 167 -25.57 5.13 15.93
CA GLY A 167 -25.78 3.72 16.23
C GLY A 167 -24.51 2.89 16.27
N ARG A 168 -24.56 1.77 16.99
CA ARG A 168 -23.40 0.90 17.13
C ARG A 168 -23.85 -0.54 17.35
N VAL A 169 -23.00 -1.49 16.95
CA VAL A 169 -23.25 -2.91 17.19
C VAL A 169 -22.53 -3.30 18.48
N THR A 170 -23.29 -3.90 19.41
CA THR A 170 -22.80 -4.23 20.74
C THR A 170 -22.38 -5.70 20.86
N GLY A 171 -22.80 -6.56 19.95
CA GLY A 171 -22.57 -7.98 20.10
C GLY A 171 -23.40 -8.77 19.11
N VAL A 172 -23.39 -10.09 19.31
CA VAL A 172 -24.05 -11.02 18.39
C VAL A 172 -24.75 -12.10 19.20
N VAL A 173 -25.98 -12.43 18.78
CA VAL A 173 -26.72 -13.55 19.36
C VAL A 173 -26.31 -14.82 18.62
N VAL A 174 -25.69 -15.75 19.34
CA VAL A 174 -25.23 -17.01 18.78
C VAL A 174 -26.09 -18.14 19.33
N ARG A 175 -26.18 -19.22 18.55
CA ARG A 175 -26.96 -20.40 18.92
C ARG A 175 -26.10 -21.65 18.77
N ASP A 176 -25.79 -22.29 19.89
CA ASP A 176 -25.17 -23.61 19.85
C ASP A 176 -26.04 -24.57 19.05
N LEU A 177 -25.44 -25.29 18.11
CA LEU A 177 -26.21 -26.20 17.28
C LEU A 177 -26.43 -27.54 17.97
N ASP A 178 -25.41 -28.06 18.65
CA ASP A 178 -25.57 -29.36 19.32
C ASP A 178 -26.49 -29.27 20.52
N SER A 179 -26.64 -28.09 21.11
CA SER A 179 -27.50 -27.93 22.27
C SER A 179 -28.83 -27.32 21.85
N GLY A 180 -28.75 -26.27 21.04
CA GLY A 180 -29.89 -25.47 20.71
C GLY A 180 -30.09 -24.26 21.58
N ARG A 181 -29.28 -24.10 22.63
CA ARG A 181 -29.45 -22.92 23.46
C ARG A 181 -28.89 -21.71 22.73
N GLN A 182 -29.40 -20.54 23.12
CA GLN A 182 -29.01 -19.29 22.49
C GLN A 182 -28.34 -18.45 23.56
N GLU A 183 -27.57 -17.46 23.12
CA GLU A 183 -26.81 -16.66 24.07
C GLU A 183 -26.40 -15.38 23.38
N GLN A 184 -26.35 -14.30 24.15
CA GLN A 184 -25.92 -13.01 23.63
C GLN A 184 -24.42 -12.88 23.89
N LEU A 185 -23.66 -12.60 22.84
CA LEU A 185 -22.21 -12.56 22.89
C LEU A 185 -21.78 -11.11 22.71
N GLU A 186 -21.31 -10.49 23.79
CA GLU A 186 -20.96 -9.08 23.71
C GLU A 186 -19.56 -8.89 23.13
N ALA A 187 -19.37 -7.78 22.44
CA ALA A 187 -18.13 -7.54 21.71
C ALA A 187 -18.00 -6.06 21.40
N ASP A 188 -16.75 -5.62 21.29
CA ASP A 188 -16.46 -4.26 20.86
C ASP A 188 -16.40 -4.15 19.35
N LEU A 189 -16.13 -5.24 18.65
CA LEU A 189 -16.01 -5.27 17.20
C LEU A 189 -16.60 -6.58 16.71
N VAL A 190 -17.34 -6.52 15.60
CA VAL A 190 -17.95 -7.71 15.01
C VAL A 190 -17.60 -7.75 13.54
N ILE A 191 -17.12 -8.91 13.08
CA ILE A 191 -16.66 -9.08 11.71
C ILE A 191 -17.56 -10.12 11.04
N ASP A 192 -18.35 -9.68 10.07
CA ASP A 192 -19.16 -10.60 9.28
C ASP A 192 -18.29 -11.18 8.16
N ALA A 193 -17.99 -12.46 8.26
CA ALA A 193 -17.28 -13.19 7.22
C ALA A 193 -18.03 -14.46 6.86
N THR A 194 -19.35 -14.36 6.77
CA THR A 194 -20.22 -15.52 6.57
C THR A 194 -20.48 -15.79 5.10
N GLY A 195 -19.71 -15.20 4.20
CA GLY A 195 -19.72 -15.58 2.81
C GLY A 195 -20.83 -14.95 1.98
N ARG A 196 -20.96 -15.49 0.76
CA ARG A 196 -21.92 -14.97 -0.20
C ARG A 196 -23.36 -15.06 0.29
N GLY A 197 -23.66 -16.07 1.11
CA GLY A 197 -25.00 -16.25 1.62
C GLY A 197 -25.14 -15.65 3.01
N SER A 198 -24.73 -14.39 3.15
CA SER A 198 -24.76 -13.72 4.45
C SER A 198 -26.08 -12.99 4.63
N ARG A 199 -26.59 -13.05 5.86
CA ARG A 199 -27.83 -12.38 6.22
C ARG A 199 -27.61 -10.98 6.78
N LEU A 200 -26.43 -10.39 6.51
CA LEU A 200 -26.12 -9.03 6.96
C LEU A 200 -27.28 -8.07 6.70
N LYS A 201 -27.84 -8.11 5.49
CA LYS A 201 -28.97 -7.22 5.17
C LYS A 201 -30.13 -7.43 6.14
N GLN A 202 -30.44 -8.69 6.44
CA GLN A 202 -31.47 -8.99 7.43
C GLN A 202 -31.08 -8.45 8.79
N TRP A 203 -29.86 -8.74 9.24
CA TRP A 203 -29.38 -8.23 10.53
C TRP A 203 -29.44 -6.71 10.57
N LEU A 204 -29.14 -6.05 9.44
CA LEU A 204 -29.10 -4.59 9.43
C LEU A 204 -30.51 -4.01 9.48
N ALA A 205 -31.46 -4.66 8.80
CA ALA A 205 -32.85 -4.21 8.89
C ALA A 205 -33.37 -4.39 10.31
N ALA A 206 -32.95 -5.46 10.98
CA ALA A 206 -33.37 -5.69 12.37
C ALA A 206 -32.92 -4.56 13.27
N LEU A 207 -31.72 -4.03 13.03
CA LEU A 207 -31.21 -2.92 13.84
C LEU A 207 -31.69 -1.57 13.35
N GLY A 208 -32.55 -1.53 12.33
CA GLY A 208 -33.06 -0.27 11.83
C GLY A 208 -32.04 0.51 11.01
N VAL A 209 -31.21 -0.19 10.24
CA VAL A 209 -30.20 0.44 9.40
C VAL A 209 -30.72 0.48 7.96
N PRO A 210 -30.66 1.62 7.28
CA PRO A 210 -31.16 1.69 5.90
C PRO A 210 -30.32 0.84 4.95
N ALA A 211 -30.95 0.41 3.87
CA ALA A 211 -30.33 -0.53 2.95
C ALA A 211 -29.06 0.04 2.33
N LEU A 212 -28.17 -0.86 1.93
CA LEU A 212 -26.86 -0.49 1.39
C LEU A 212 -26.92 -0.40 -0.12
N GLU A 213 -26.05 0.44 -0.68
CA GLU A 213 -25.87 0.46 -2.12
C GLU A 213 -25.25 -0.86 -2.56
N GLU A 214 -25.72 -1.39 -3.68
CA GLU A 214 -25.31 -2.71 -4.15
C GLU A 214 -25.20 -2.69 -5.66
N ASP A 215 -23.97 -2.79 -6.17
CA ASP A 215 -23.75 -3.03 -7.59
C ASP A 215 -23.83 -4.52 -7.88
N VAL A 216 -24.42 -4.87 -9.02
CA VAL A 216 -24.53 -6.26 -9.43
C VAL A 216 -24.26 -6.34 -10.93
N VAL A 217 -23.37 -7.25 -11.32
CA VAL A 217 -23.14 -7.61 -12.72
C VAL A 217 -23.18 -9.13 -12.76
N ASP A 218 -24.32 -9.67 -13.18
CA ASP A 218 -24.61 -11.11 -13.09
C ASP A 218 -24.73 -11.68 -14.48
N ALA A 219 -23.74 -12.46 -14.89
CA ALA A 219 -23.77 -13.15 -16.18
C ALA A 219 -24.38 -14.54 -16.08
N GLY A 220 -24.82 -14.95 -14.90
CA GLY A 220 -25.46 -16.24 -14.71
C GLY A 220 -24.53 -17.41 -14.94
N VAL A 221 -23.33 -17.34 -14.37
CA VAL A 221 -22.34 -18.39 -14.58
C VAL A 221 -22.64 -19.55 -13.63
N ALA A 222 -22.58 -20.77 -14.17
CA ALA A 222 -22.74 -21.99 -13.40
C ALA A 222 -21.57 -22.92 -13.68
N TYR A 223 -21.35 -23.87 -12.76
CA TYR A 223 -20.21 -24.75 -12.84
C TYR A 223 -20.64 -26.20 -12.66
N ALA A 224 -19.91 -27.09 -13.34
CA ALA A 224 -20.08 -28.53 -13.20
C ALA A 224 -18.70 -29.15 -13.12
N THR A 225 -18.40 -29.83 -12.01
CA THR A 225 -17.06 -30.29 -11.72
C THR A 225 -17.06 -31.78 -11.44
N ARG A 226 -16.04 -32.47 -11.95
CA ARG A 226 -15.76 -33.86 -11.64
C ARG A 226 -14.30 -34.01 -11.28
N LEU A 227 -14.03 -34.82 -10.26
CA LEU A 227 -12.67 -35.21 -9.94
C LEU A 227 -12.28 -36.44 -10.75
N PHE A 228 -11.03 -36.47 -11.20
CA PHE A 228 -10.51 -37.58 -11.97
C PHE A 228 -9.16 -38.00 -11.39
N LYS A 229 -8.83 -39.27 -11.55
CA LYS A 229 -7.48 -39.70 -11.26
C LYS A 229 -6.63 -39.45 -12.50
N ALA A 230 -5.54 -38.74 -12.31
CA ALA A 230 -4.74 -38.32 -13.45
C ALA A 230 -3.81 -39.44 -13.89
N PRO A 231 -3.46 -39.48 -15.18
CA PRO A 231 -2.40 -40.39 -15.62
C PRO A 231 -1.16 -40.18 -14.76
N PRO A 232 -0.45 -41.26 -14.42
CA PRO A 232 0.70 -41.13 -13.51
C PRO A 232 1.72 -40.12 -14.03
N GLY A 233 2.02 -39.13 -13.20
CA GLY A 233 2.98 -38.09 -13.51
C GLY A 233 2.38 -36.82 -14.05
N ALA A 234 1.12 -36.84 -14.48
CA ALA A 234 0.51 -35.66 -15.10
C ALA A 234 0.38 -34.50 -14.13
N THR A 235 0.30 -34.77 -12.82
CA THR A 235 0.20 -33.70 -11.84
C THR A 235 1.46 -32.85 -11.75
N THR A 236 2.59 -33.33 -12.25
CA THR A 236 3.85 -32.59 -12.18
C THR A 236 4.46 -32.29 -13.53
N HIS A 237 4.25 -33.15 -14.53
CA HIS A 237 4.88 -32.99 -15.84
C HIS A 237 3.88 -32.71 -16.95
N PHE A 238 2.64 -32.42 -16.61
CA PHE A 238 1.64 -32.02 -17.58
C PHE A 238 1.05 -30.67 -17.18
N PRO A 239 0.90 -29.74 -18.13
CA PRO A 239 0.39 -28.42 -17.77
C PRO A 239 -1.11 -28.48 -17.50
N ALA A 240 -1.60 -27.43 -16.83
CA ALA A 240 -3.03 -27.21 -16.79
C ALA A 240 -3.54 -26.84 -18.17
N VAL A 241 -4.79 -27.21 -18.46
CA VAL A 241 -5.39 -26.97 -19.77
C VAL A 241 -6.68 -26.20 -19.56
N ASN A 242 -6.79 -25.04 -20.18
CA ASN A 242 -7.93 -24.14 -20.02
C ASN A 242 -8.47 -23.76 -21.40
N ILE A 243 -9.78 -23.94 -21.58
CA ILE A 243 -10.44 -23.60 -22.83
C ILE A 243 -11.39 -22.46 -22.50
N ALA A 244 -10.94 -21.22 -22.75
CA ALA A 244 -11.66 -20.02 -22.33
C ALA A 244 -12.12 -19.17 -23.52
N ALA A 245 -12.30 -19.77 -24.69
CA ALA A 245 -12.76 -19.00 -25.85
C ALA A 245 -14.20 -18.53 -25.64
N ASP A 246 -14.51 -17.34 -26.16
CA ASP A 246 -15.84 -16.77 -25.97
C ASP A 246 -16.13 -15.72 -27.04
N ASP A 247 -17.42 -15.60 -27.37
CA ASP A 247 -17.96 -14.55 -28.25
C ASP A 247 -19.16 -14.03 -27.47
N ARG A 248 -18.88 -13.15 -26.50
CA ARG A 248 -19.84 -12.83 -25.45
C ARG A 248 -21.15 -12.25 -25.97
N VAL A 249 -21.10 -11.40 -27.00
CA VAL A 249 -22.34 -10.70 -27.35
C VAL A 249 -23.25 -11.57 -28.20
N ARG A 250 -22.71 -12.51 -28.96
CA ARG A 250 -23.55 -13.38 -29.78
C ARG A 250 -23.98 -14.63 -29.02
N GLU A 251 -23.06 -15.27 -28.32
CA GLU A 251 -23.28 -16.60 -27.78
C GLU A 251 -22.96 -16.62 -26.29
N PRO A 252 -23.73 -17.37 -25.50
CA PRO A 252 -23.31 -17.65 -24.12
C PRO A 252 -21.96 -18.33 -24.09
N GLY A 253 -21.18 -18.03 -23.05
CA GLY A 253 -19.87 -18.64 -22.94
C GLY A 253 -19.95 -20.09 -22.49
N ARG A 254 -19.00 -20.88 -22.97
CA ARG A 254 -18.83 -22.26 -22.53
C ARG A 254 -17.34 -22.51 -22.37
N PHE A 255 -16.94 -22.94 -21.17
CA PHE A 255 -15.52 -23.02 -20.83
C PHE A 255 -15.26 -24.34 -20.10
N GLY A 256 -13.99 -24.70 -20.03
CA GLY A 256 -13.57 -25.88 -19.29
C GLY A 256 -12.15 -25.75 -18.84
N VAL A 257 -11.86 -26.35 -17.68
CA VAL A 257 -10.52 -26.33 -17.09
C VAL A 257 -10.18 -27.71 -16.54
N VAL A 258 -8.91 -28.07 -16.61
CA VAL A 258 -8.37 -29.23 -15.91
C VAL A 258 -7.13 -28.77 -15.16
N TYR A 259 -7.22 -28.69 -13.84
CA TYR A 259 -6.08 -28.36 -13.01
C TYR A 259 -5.54 -29.60 -12.31
N PRO A 260 -4.23 -29.70 -12.11
CA PRO A 260 -3.70 -30.73 -11.21
C PRO A 260 -3.83 -30.32 -9.76
N ILE A 261 -4.24 -31.27 -8.92
CA ILE A 261 -4.28 -31.09 -7.48
C ILE A 261 -3.49 -32.22 -6.84
N GLU A 262 -3.34 -32.14 -5.52
CA GLU A 262 -2.52 -33.10 -4.80
C GLU A 262 -3.11 -34.49 -4.85
N GLY A 263 -2.23 -35.50 -4.77
CA GLY A 263 -2.67 -36.88 -4.82
C GLY A 263 -2.84 -37.44 -6.21
N GLY A 264 -2.05 -36.97 -7.17
CA GLY A 264 -2.17 -37.45 -8.55
C GLY A 264 -3.56 -37.37 -9.11
N ARG A 265 -4.28 -36.28 -8.85
CA ARG A 265 -5.65 -36.13 -9.31
C ARG A 265 -5.82 -34.90 -10.20
N TRP A 266 -6.84 -34.97 -11.04
CA TRP A 266 -7.25 -33.90 -11.95
C TRP A 266 -8.61 -33.35 -11.50
N LEU A 267 -8.66 -32.06 -11.19
CA LEU A 267 -9.93 -31.38 -10.98
C LEU A 267 -10.40 -30.75 -12.28
N ALA A 268 -11.51 -31.24 -12.82
CA ALA A 268 -12.06 -30.77 -14.08
C ALA A 268 -13.34 -29.99 -13.83
N THR A 269 -13.34 -28.71 -14.17
CA THR A 269 -14.47 -27.82 -13.93
C THR A 269 -14.93 -27.20 -15.24
N LEU A 270 -16.19 -27.43 -15.59
CA LEU A 270 -16.81 -26.83 -16.76
C LEU A 270 -17.71 -25.68 -16.32
N SER A 271 -17.92 -24.73 -17.23
CA SER A 271 -18.66 -23.52 -16.89
C SER A 271 -19.43 -23.03 -18.11
N CYS A 272 -20.49 -22.29 -17.84
CA CYS A 272 -21.24 -21.61 -18.88
C CYS A 272 -21.91 -20.37 -18.29
N THR A 273 -22.39 -19.50 -19.16
CA THR A 273 -23.16 -18.33 -18.78
C THR A 273 -24.63 -18.54 -19.11
N ARG A 274 -25.46 -17.57 -18.71
CA ARG A 274 -26.90 -17.65 -18.94
C ARG A 274 -27.20 -17.87 -20.42
N GLY A 275 -28.09 -18.81 -20.68
CA GLY A 275 -28.44 -19.20 -22.04
C GLY A 275 -27.83 -20.51 -22.50
N ALA A 276 -26.91 -21.09 -21.72
CA ALA A 276 -26.30 -22.37 -22.04
C ALA A 276 -26.69 -23.39 -20.98
N GLN A 277 -26.39 -24.66 -21.27
CA GLN A 277 -26.78 -25.77 -20.41
C GLN A 277 -25.56 -26.62 -20.07
N LEU A 278 -25.34 -26.83 -18.77
CA LEU A 278 -24.24 -27.62 -18.24
C LEU A 278 -24.60 -29.10 -18.16
N PRO A 279 -23.59 -29.97 -18.02
CA PRO A 279 -23.86 -31.40 -17.78
C PRO A 279 -24.50 -31.64 -16.42
N THR A 280 -25.73 -32.14 -16.44
CA THR A 280 -26.36 -32.60 -15.20
C THR A 280 -25.96 -34.02 -14.84
N HIS A 281 -25.73 -34.89 -15.82
CA HIS A 281 -25.38 -36.29 -15.53
C HIS A 281 -23.95 -36.58 -15.98
N GLU A 282 -23.46 -37.75 -15.56
CA GLU A 282 -22.05 -38.06 -15.74
C GLU A 282 -21.74 -38.30 -17.20
N ASP A 283 -22.68 -38.92 -17.91
CA ASP A 283 -22.52 -39.21 -19.33
C ASP A 283 -22.59 -37.95 -20.18
N GLU A 284 -22.97 -36.81 -19.62
CA GLU A 284 -23.02 -35.56 -20.36
C GLU A 284 -21.82 -34.67 -20.08
N PHE A 285 -20.92 -35.08 -19.17
CA PHE A 285 -19.74 -34.28 -18.86
C PHE A 285 -18.80 -34.19 -20.06
N ILE A 286 -18.31 -35.34 -20.52
CA ILE A 286 -17.40 -35.38 -21.68
C ILE A 286 -18.02 -34.71 -22.91
N PRO A 287 -19.28 -34.97 -23.30
CA PRO A 287 -19.83 -34.31 -24.49
C PRO A 287 -19.82 -32.80 -24.40
N PHE A 288 -19.82 -32.23 -23.20
CA PHE A 288 -19.70 -30.78 -23.09
C PHE A 288 -18.26 -30.34 -23.37
N ALA A 289 -17.28 -31.12 -22.94
CA ALA A 289 -15.89 -30.83 -23.25
C ALA A 289 -15.57 -31.13 -24.71
N GLU A 290 -16.40 -31.93 -25.38
CA GLU A 290 -16.21 -32.21 -26.80
C GLU A 290 -16.68 -31.06 -27.67
N ASN A 291 -17.69 -30.33 -27.22
CA ASN A 291 -18.30 -29.25 -27.99
C ASN A 291 -17.66 -27.89 -27.73
N LEU A 292 -16.55 -27.84 -27.00
CA LEU A 292 -15.80 -26.59 -26.92
C LEU A 292 -14.99 -26.41 -28.21
N ASN A 293 -14.44 -25.22 -28.39
CA ASN A 293 -13.78 -24.89 -29.65
C ASN A 293 -12.62 -25.83 -29.96
N HIS A 294 -12.12 -26.59 -28.97
CA HIS A 294 -11.14 -27.63 -29.20
C HIS A 294 -11.43 -28.79 -28.25
N PRO A 295 -11.39 -30.03 -28.76
CA PRO A 295 -11.76 -31.19 -27.93
C PRO A 295 -10.69 -31.69 -26.98
N ILE A 296 -9.64 -30.91 -26.72
CA ILE A 296 -8.50 -31.40 -25.95
C ILE A 296 -8.95 -31.90 -24.57
N LEU A 297 -9.90 -31.21 -23.95
CA LEU A 297 -10.36 -31.63 -22.62
C LEU A 297 -11.07 -32.97 -22.68
N ALA A 298 -11.96 -33.15 -23.66
CA ALA A 298 -12.61 -34.44 -23.85
C ALA A 298 -11.59 -35.53 -24.15
N ASP A 299 -10.54 -35.19 -24.90
CA ASP A 299 -9.50 -36.18 -25.20
C ASP A 299 -8.72 -36.54 -23.95
N LEU A 300 -8.47 -35.56 -23.08
CA LEU A 300 -7.67 -35.81 -21.88
C LEU A 300 -8.45 -36.64 -20.86
N LEU A 301 -9.77 -36.47 -20.81
CA LEU A 301 -10.61 -37.12 -19.81
C LEU A 301 -11.37 -38.32 -20.36
N ARG A 302 -11.18 -38.68 -21.63
CA ARG A 302 -11.94 -39.77 -22.23
C ARG A 302 -11.77 -41.07 -21.45
N ASP A 303 -10.53 -41.43 -21.14
CA ASP A 303 -10.22 -42.68 -20.44
C ASP A 303 -9.56 -42.43 -19.10
N ALA A 304 -9.82 -41.29 -18.49
CA ALA A 304 -9.38 -41.05 -17.12
C ALA A 304 -10.40 -41.68 -16.18
N GLU A 305 -9.95 -42.06 -15.00
CA GLU A 305 -10.87 -42.73 -14.10
C GLU A 305 -11.62 -41.69 -13.28
N PRO A 306 -12.95 -41.64 -13.38
CA PRO A 306 -13.69 -40.64 -12.62
C PRO A 306 -13.82 -41.06 -11.16
N LEU A 307 -13.58 -40.11 -10.26
CA LEU A 307 -13.58 -40.40 -8.84
C LEU A 307 -14.79 -39.87 -8.11
N THR A 308 -15.54 -38.94 -8.70
CA THR A 308 -16.72 -38.35 -8.09
C THR A 308 -17.84 -38.31 -9.12
N PRO A 309 -19.09 -38.11 -8.67
CA PRO A 309 -20.15 -37.66 -9.58
C PRO A 309 -19.95 -36.20 -9.97
N VAL A 310 -20.90 -35.61 -10.69
CA VAL A 310 -20.80 -34.22 -11.09
C VAL A 310 -21.34 -33.33 -9.98
N PHE A 311 -20.53 -32.37 -9.55
CA PHE A 311 -20.93 -31.35 -8.60
C PHE A 311 -21.28 -30.07 -9.36
N GLY A 312 -22.23 -29.31 -8.81
CA GLY A 312 -22.71 -28.12 -9.46
C GLY A 312 -22.60 -26.90 -8.55
N SER A 313 -22.52 -25.74 -9.19
CA SER A 313 -22.52 -24.46 -8.48
C SER A 313 -23.19 -23.41 -9.34
N ARG A 314 -23.95 -22.53 -8.71
CA ARG A 314 -24.61 -21.42 -9.39
C ARG A 314 -24.23 -20.07 -8.80
N SER A 315 -23.16 -19.99 -8.04
CA SER A 315 -22.72 -18.75 -7.41
C SER A 315 -21.64 -18.12 -8.29
N GLY A 316 -22.09 -17.38 -9.30
CA GLY A 316 -21.18 -16.81 -10.26
C GLY A 316 -21.38 -15.33 -10.54
N ALA A 317 -22.18 -14.66 -9.72
CA ALA A 317 -22.52 -13.27 -9.96
C ALA A 317 -21.55 -12.33 -9.26
N ASN A 318 -21.25 -11.22 -9.92
CA ASN A 318 -20.43 -10.16 -9.32
C ASN A 318 -21.36 -9.19 -8.60
N ARG A 319 -21.33 -9.19 -7.28
CA ARG A 319 -22.11 -8.26 -6.47
C ARG A 319 -21.19 -7.62 -5.45
N ARG A 320 -21.40 -6.31 -5.21
CA ARG A 320 -20.56 -5.55 -4.29
C ARG A 320 -21.43 -4.64 -3.44
N LEU A 321 -21.33 -4.79 -2.12
CA LEU A 321 -21.97 -3.87 -1.19
C LEU A 321 -21.05 -2.70 -0.90
N TYR A 322 -21.64 -1.57 -0.53
CA TYR A 322 -20.89 -0.33 -0.26
C TYR A 322 -21.24 0.21 1.12
N PRO A 323 -20.83 -0.48 2.19
CA PRO A 323 -21.04 0.07 3.53
C PRO A 323 -20.23 1.33 3.80
N GLU A 324 -19.13 1.54 3.08
CA GLU A 324 -18.36 2.77 3.20
C GLU A 324 -19.16 4.00 2.78
N ARG A 325 -20.23 3.81 2.01
CA ARG A 325 -21.05 4.92 1.55
C ARG A 325 -22.21 5.25 2.49
N LEU A 326 -22.55 4.32 3.38
CA LEU A 326 -23.69 4.49 4.28
C LEU A 326 -23.32 5.38 5.46
N GLU A 327 -24.01 6.52 5.60
CA GLU A 327 -23.77 7.39 6.74
C GLU A 327 -24.28 6.77 8.04
N GLN A 328 -25.28 5.88 7.95
CA GLN A 328 -25.81 5.19 9.11
C GLN A 328 -25.09 3.89 9.42
N TRP A 329 -23.89 3.69 8.87
CA TRP A 329 -23.18 2.45 9.12
C TRP A 329 -22.84 2.35 10.61
N PRO A 330 -23.24 1.29 11.29
CA PRO A 330 -23.03 1.22 12.75
C PRO A 330 -21.57 1.03 13.11
N ASP A 331 -21.13 1.78 14.11
CA ASP A 331 -19.81 1.60 14.69
C ASP A 331 -19.62 0.17 15.18
N GLY A 332 -18.38 -0.30 15.12
CA GLY A 332 -18.04 -1.61 15.63
C GLY A 332 -18.47 -2.77 14.76
N LEU A 333 -18.88 -2.51 13.52
CA LEU A 333 -19.25 -3.56 12.58
C LEU A 333 -18.38 -3.46 11.35
N LEU A 334 -17.81 -4.60 10.93
CA LEU A 334 -17.08 -4.71 9.69
C LEU A 334 -17.61 -5.90 8.91
N VAL A 335 -17.60 -5.78 7.58
CA VAL A 335 -17.99 -6.86 6.69
C VAL A 335 -16.88 -7.06 5.66
N ILE A 336 -16.38 -8.29 5.57
CA ILE A 336 -15.28 -8.64 4.69
C ILE A 336 -15.64 -9.90 3.91
N GLY A 337 -14.79 -10.23 2.94
CA GLY A 337 -14.95 -11.45 2.18
C GLY A 337 -16.16 -11.42 1.25
N ASP A 338 -16.63 -12.62 0.92
CA ASP A 338 -17.72 -12.77 -0.04
C ASP A 338 -18.97 -12.01 0.40
N SER A 339 -19.15 -11.81 1.70
CA SER A 339 -20.30 -11.05 2.18
C SER A 339 -20.20 -9.59 1.74
N LEU A 340 -19.00 -9.03 1.71
CA LEU A 340 -18.83 -7.66 1.24
C LEU A 340 -18.93 -7.60 -0.28
N THR A 341 -18.20 -8.46 -0.97
CA THR A 341 -18.21 -8.47 -2.43
C THR A 341 -17.79 -9.86 -2.91
N ALA A 342 -18.53 -10.38 -3.88
CA ALA A 342 -18.26 -11.70 -4.44
C ALA A 342 -18.16 -11.58 -5.95
N PHE A 343 -17.35 -12.45 -6.56
CA PHE A 343 -16.97 -12.32 -7.95
C PHE A 343 -17.27 -13.60 -8.72
N ASN A 344 -17.40 -13.44 -10.05
CA ASN A 344 -17.39 -14.55 -10.98
C ASN A 344 -16.13 -15.37 -10.76
N PRO A 345 -16.27 -16.62 -10.31
CA PRO A 345 -15.09 -17.40 -9.94
C PRO A 345 -14.20 -17.82 -11.10
N ILE A 346 -14.65 -17.66 -12.35
CA ILE A 346 -13.80 -17.96 -13.50
C ILE A 346 -12.46 -17.25 -13.39
N TYR A 347 -12.44 -16.08 -12.76
CA TYR A 347 -11.22 -15.30 -12.61
C TYR A 347 -10.47 -15.58 -11.31
N GLY A 348 -11.07 -16.35 -10.40
CA GLY A 348 -10.36 -16.89 -9.25
C GLY A 348 -9.73 -15.89 -8.30
N HIS A 349 -10.47 -14.86 -7.92
CA HIS A 349 -9.93 -13.80 -7.07
C HIS A 349 -10.55 -13.78 -5.67
N GLY A 350 -11.58 -14.58 -5.42
CA GLY A 350 -12.28 -14.52 -4.13
C GLY A 350 -11.35 -14.66 -2.94
N MET A 351 -10.44 -15.64 -2.98
CA MET A 351 -9.55 -15.84 -1.85
C MET A 351 -8.49 -14.74 -1.75
N SER A 352 -7.99 -14.26 -2.90
CA SER A 352 -7.00 -13.18 -2.87
C SER A 352 -7.59 -11.91 -2.27
N SER A 353 -8.87 -11.62 -2.57
CA SER A 353 -9.50 -10.44 -2.02
C SER A 353 -9.91 -10.65 -0.56
N ALA A 354 -10.03 -11.90 -0.14
CA ALA A 354 -10.16 -12.20 1.28
C ALA A 354 -8.86 -11.89 2.01
N ALA A 355 -7.74 -12.37 1.48
CA ALA A 355 -6.44 -12.01 2.02
C ALA A 355 -6.24 -10.49 2.03
N ARG A 356 -6.78 -9.81 1.02
CA ARG A 356 -6.65 -8.35 0.96
C ARG A 356 -7.37 -7.67 2.12
N CYS A 357 -8.57 -8.15 2.47
CA CYS A 357 -9.33 -7.53 3.55
C CYS A 357 -8.63 -7.69 4.88
N ALA A 358 -8.05 -8.88 5.12
CA ALA A 358 -7.30 -9.09 6.36
C ALA A 358 -5.99 -8.32 6.34
N THR A 359 -5.32 -8.28 5.19
CA THR A 359 -4.15 -7.43 5.02
C THR A 359 -4.46 -5.98 5.38
N THR A 360 -5.61 -5.48 4.93
CA THR A 360 -5.98 -4.09 5.18
C THR A 360 -6.28 -3.84 6.66
N ILE A 361 -6.97 -4.79 7.30
CA ILE A 361 -7.22 -4.67 8.74
C ILE A 361 -5.90 -4.59 9.50
N ASP A 362 -4.94 -5.45 9.15
CA ASP A 362 -3.64 -5.45 9.82
C ASP A 362 -2.93 -4.12 9.65
N ARG A 363 -3.10 -3.47 8.50
CA ARG A 363 -2.30 -2.31 8.15
C ARG A 363 -2.95 -0.98 8.52
N GLU A 364 -4.24 -0.97 8.87
CA GLU A 364 -4.91 0.27 9.24
C GLU A 364 -5.58 0.21 10.61
N PHE A 365 -5.47 -0.91 11.34
CA PHE A 365 -6.15 -1.02 12.62
C PHE A 365 -5.66 0.03 13.61
N GLU A 366 -4.35 0.03 13.89
CA GLU A 366 -3.82 0.94 14.91
C GLU A 366 -4.09 2.39 14.56
N ARG A 367 -3.91 2.75 13.29
CA ARG A 367 -4.15 4.12 12.85
C ARG A 367 -5.63 4.50 12.98
N SER A 368 -6.54 3.53 13.03
CA SER A 368 -7.97 3.82 13.00
C SER A 368 -8.57 3.99 14.40
N VAL A 369 -8.10 3.22 15.38
CA VAL A 369 -8.54 3.39 16.77
C VAL A 369 -7.99 4.67 17.43
N GLN A 370 -6.97 5.31 16.84
CA GLN A 370 -6.53 6.73 17.05
C GLN A 370 -6.23 7.21 15.62
N ALA A 376 -16.47 10.10 18.66
CA ALA A 376 -16.68 9.63 17.29
C ALA A 376 -15.81 8.41 17.01
N ARG A 377 -16.45 7.25 16.92
CA ARG A 377 -15.75 6.01 16.56
C ARG A 377 -15.69 5.90 15.03
N ALA A 378 -15.05 6.90 14.44
CA ALA A 378 -14.75 6.95 13.02
C ALA A 378 -13.61 6.01 12.63
N GLY A 379 -13.30 5.03 13.46
CA GLY A 379 -12.22 4.11 13.18
C GLY A 379 -12.70 2.86 12.48
N THR A 380 -13.89 2.38 12.83
CA THR A 380 -14.44 1.23 12.10
C THR A 380 -14.95 1.65 10.72
N ARG A 381 -15.48 2.88 10.61
CA ARG A 381 -15.87 3.36 9.28
C ARG A 381 -14.65 3.73 8.45
N ALA A 382 -13.53 3.99 9.10
CA ALA A 382 -12.27 4.16 8.39
C ALA A 382 -11.72 2.80 7.96
N LEU A 383 -11.78 1.81 8.85
CA LEU A 383 -11.41 0.45 8.48
C LEU A 383 -12.22 -0.04 7.28
N GLN A 384 -13.55 0.08 7.37
CA GLN A 384 -14.42 -0.39 6.30
C GLN A 384 -14.17 0.36 4.99
N LYS A 385 -13.73 1.62 5.08
CA LYS A 385 -13.42 2.38 3.88
C LYS A 385 -12.14 1.88 3.23
N ALA A 386 -11.11 1.61 4.04
CA ALA A 386 -9.89 1.03 3.50
C ALA A 386 -10.14 -0.36 2.93
N ILE A 387 -11.01 -1.13 3.59
CA ILE A 387 -11.36 -2.46 3.10
C ILE A 387 -12.05 -2.36 1.75
N GLY A 388 -13.00 -1.44 1.62
CA GLY A 388 -13.68 -1.23 0.34
C GLY A 388 -12.73 -0.92 -0.79
N ALA A 389 -11.74 -0.07 -0.54
CA ALA A 389 -10.75 0.25 -1.57
C ALA A 389 -9.93 -0.97 -1.96
N ALA A 390 -9.64 -1.85 -0.99
CA ALA A 390 -8.79 -3.00 -1.24
C ALA A 390 -9.43 -4.01 -2.19
N VAL A 391 -10.76 -4.04 -2.29
CA VAL A 391 -11.46 -5.02 -3.11
C VAL A 391 -11.93 -4.44 -4.44
N ASP A 392 -11.50 -3.23 -4.78
CA ASP A 392 -11.91 -2.65 -6.05
C ASP A 392 -11.28 -3.39 -7.23
N ASP A 393 -10.03 -3.83 -7.08
CA ASP A 393 -9.33 -4.51 -8.17
C ASP A 393 -10.08 -5.75 -8.66
N PRO A 394 -10.47 -6.71 -7.81
CA PRO A 394 -11.22 -7.87 -8.34
C PRO A 394 -12.62 -7.51 -8.81
N TRP A 395 -13.29 -6.56 -8.15
CA TRP A 395 -14.62 -6.15 -8.59
C TRP A 395 -14.61 -5.62 -10.02
N ILE A 396 -13.75 -4.64 -10.31
CA ILE A 396 -13.84 -3.97 -11.61
C ILE A 396 -13.22 -4.82 -12.71
N LEU A 397 -12.49 -5.86 -12.34
CA LEU A 397 -11.97 -6.77 -13.36
C LEU A 397 -13.05 -7.74 -13.78
N ALA A 398 -13.70 -8.39 -12.82
CA ALA A 398 -14.74 -9.35 -13.16
C ALA A 398 -15.99 -8.67 -13.72
N ALA A 399 -16.29 -7.45 -13.30
CA ALA A 399 -17.50 -6.79 -13.80
C ALA A 399 -17.31 -6.32 -15.24
N THR A 400 -16.09 -5.89 -15.59
CA THR A 400 -15.83 -5.45 -16.95
C THR A 400 -15.89 -6.62 -17.93
N LYS A 401 -15.31 -7.77 -17.55
CA LYS A 401 -15.30 -8.92 -18.45
C LYS A 401 -16.69 -9.51 -18.65
N ASP A 402 -17.57 -9.41 -17.66
CA ASP A 402 -18.87 -10.09 -17.71
C ASP A 402 -19.98 -9.22 -18.27
N ILE A 403 -19.83 -7.89 -18.20
CA ILE A 403 -20.94 -6.97 -18.48
C ILE A 403 -21.53 -7.13 -19.87
N ASP A 404 -20.77 -7.63 -20.84
CA ASP A 404 -21.21 -7.63 -22.23
C ASP A 404 -21.72 -8.98 -22.71
N TYR A 405 -21.81 -9.98 -21.84
CA TYR A 405 -22.43 -11.23 -22.21
C TYR A 405 -23.89 -11.03 -22.60
N VAL A 406 -24.34 -11.73 -23.65
CA VAL A 406 -25.76 -11.83 -23.90
C VAL A 406 -26.45 -12.35 -22.64
N ASN A 407 -27.63 -11.79 -22.34
CA ASN A 407 -28.53 -12.20 -21.27
C ASN A 407 -28.02 -11.76 -19.90
N CYS A 408 -26.96 -10.95 -19.86
CA CYS A 408 -26.36 -10.57 -18.58
C CYS A 408 -27.25 -9.57 -17.83
N ARG A 409 -27.55 -9.90 -16.59
CA ARG A 409 -28.30 -8.99 -15.73
C ARG A 409 -27.34 -7.99 -15.10
N VAL A 410 -27.62 -6.70 -15.26
CA VAL A 410 -26.72 -5.63 -14.85
C VAL A 410 -27.51 -4.61 -14.06
N SER A 411 -27.03 -4.31 -12.84
CA SER A 411 -27.66 -3.28 -12.00
C SER A 411 -26.55 -2.64 -11.17
N ALA A 412 -25.96 -1.58 -11.71
CA ALA A 412 -24.76 -1.01 -11.12
C ALA A 412 -24.74 0.49 -11.35
N THR A 413 -24.17 1.22 -10.39
CA THR A 413 -23.98 2.66 -10.48
C THR A 413 -22.55 3.05 -10.83
N ASP A 414 -21.67 2.07 -11.01
CA ASP A 414 -20.26 2.35 -11.26
C ASP A 414 -20.10 3.07 -12.60
N PRO A 415 -19.60 4.30 -12.63
CA PRO A 415 -19.50 5.02 -13.90
C PRO A 415 -18.55 4.38 -14.90
N ARG A 416 -17.60 3.57 -14.43
CA ARG A 416 -16.70 2.88 -15.34
C ARG A 416 -17.38 1.77 -16.12
N LEU A 417 -18.64 1.46 -15.81
CA LEU A 417 -19.39 0.41 -16.50
C LEU A 417 -20.61 0.91 -17.25
N ILE A 418 -21.34 1.89 -16.70
CA ILE A 418 -22.66 2.21 -17.23
C ILE A 418 -22.62 3.15 -18.43
N GLY A 419 -21.68 4.09 -18.47
CA GLY A 419 -21.67 5.10 -19.50
C GLY A 419 -20.69 4.83 -20.63
N VAL A 420 -20.49 3.56 -20.95
CA VAL A 420 -19.39 3.14 -21.81
C VAL A 420 -19.93 2.75 -23.19
N ASP A 421 -19.16 3.09 -24.23
CA ASP A 421 -19.46 2.66 -25.59
C ASP A 421 -19.11 1.17 -25.68
N THR A 422 -20.15 0.32 -25.72
CA THR A 422 -19.93 -1.11 -25.54
C THR A 422 -19.09 -1.73 -26.65
N GLU A 423 -19.31 -1.32 -27.90
CA GLU A 423 -18.50 -1.92 -28.97
C GLU A 423 -17.04 -1.52 -28.87
N GLN A 424 -16.76 -0.31 -28.42
CA GLN A 424 -15.38 0.07 -28.16
C GLN A 424 -14.78 -0.78 -27.03
N ARG A 425 -15.59 -1.09 -26.01
CA ARG A 425 -15.12 -1.92 -24.92
C ARG A 425 -14.73 -3.32 -25.40
N LEU A 426 -15.53 -3.90 -26.31
CA LEU A 426 -15.22 -5.25 -26.78
C LEU A 426 -14.09 -5.25 -27.79
N ARG A 427 -14.00 -4.20 -28.63
CA ARG A 427 -12.87 -4.07 -29.54
C ARG A 427 -11.56 -3.98 -28.76
N PHE A 428 -11.57 -3.24 -27.64
CA PHE A 428 -10.37 -3.14 -26.83
C PHE A 428 -10.11 -4.43 -26.06
N ALA A 429 -11.17 -5.12 -25.65
CA ALA A 429 -11.01 -6.42 -25.01
C ALA A 429 -10.33 -7.41 -25.93
N GLU A 430 -10.74 -7.43 -27.21
CA GLU A 430 -10.13 -8.37 -28.16
C GLU A 430 -8.67 -7.99 -28.45
N ALA A 431 -8.38 -6.69 -28.52
CA ALA A 431 -7.01 -6.24 -28.70
C ALA A 431 -6.12 -6.68 -27.55
N ILE A 432 -6.60 -6.53 -26.32
CA ILE A 432 -5.81 -6.92 -25.15
C ILE A 432 -5.49 -8.41 -25.21
N THR A 433 -6.52 -9.23 -25.47
CA THR A 433 -6.29 -10.67 -25.55
C THR A 433 -5.38 -11.02 -26.70
N ALA A 434 -5.59 -10.41 -27.87
CA ALA A 434 -4.74 -10.68 -29.03
C ALA A 434 -3.28 -10.34 -28.75
N ALA A 435 -3.04 -9.29 -27.96
CA ALA A 435 -1.67 -8.92 -27.62
C ALA A 435 -1.07 -9.89 -26.60
N SER A 436 -1.85 -10.28 -25.59
CA SER A 436 -1.31 -11.07 -24.50
C SER A 436 -0.90 -12.47 -24.94
N ILE A 437 -1.60 -13.04 -25.93
CA ILE A 437 -1.30 -14.42 -26.32
C ILE A 437 -0.06 -14.55 -27.20
N ARG A 438 0.41 -13.46 -27.82
CA ARG A 438 1.48 -13.58 -28.80
C ARG A 438 2.58 -12.54 -28.66
N SER A 439 2.59 -11.73 -27.59
CA SER A 439 3.67 -10.78 -27.37
C SER A 439 4.11 -10.77 -25.91
N PRO A 440 5.40 -10.98 -25.64
CA PRO A 440 5.83 -11.14 -24.23
C PRO A 440 5.57 -9.92 -23.35
N LYS A 441 5.91 -8.72 -23.82
CA LYS A 441 5.74 -7.54 -22.99
C LYS A 441 4.26 -7.28 -22.69
N ALA A 442 3.38 -7.53 -23.66
CA ALA A 442 1.95 -7.37 -23.41
C ALA A 442 1.42 -8.49 -22.52
N SER A 443 2.04 -9.67 -22.59
CA SER A 443 1.58 -10.79 -21.76
C SER A 443 1.89 -10.57 -20.29
N GLU A 444 3.08 -10.03 -19.99
CA GLU A 444 3.48 -9.83 -18.61
C GLU A 444 2.54 -8.87 -17.89
N ILE A 445 2.18 -7.77 -18.55
CA ILE A 445 1.28 -6.80 -17.92
C ILE A 445 -0.09 -7.43 -17.68
N VAL A 446 -0.58 -8.20 -18.65
CA VAL A 446 -1.90 -8.83 -18.51
C VAL A 446 -1.90 -9.80 -17.33
N THR A 447 -0.86 -10.63 -17.23
CA THR A 447 -0.78 -11.56 -16.11
C THR A 447 -0.72 -10.82 -14.76
N ASP A 448 -0.06 -9.66 -14.73
CA ASP A 448 -0.07 -8.85 -13.52
C ASP A 448 -1.49 -8.47 -13.13
N VAL A 449 -2.30 -8.06 -14.12
CA VAL A 449 -3.70 -7.73 -13.85
C VAL A 449 -4.48 -9.01 -13.55
N MET A 450 -4.24 -10.07 -14.33
CA MET A 450 -4.97 -11.31 -14.10
CA MET A 450 -4.90 -11.35 -14.13
C MET A 450 -4.63 -11.91 -12.75
N SER A 451 -3.40 -11.71 -12.25
CA SER A 451 -3.00 -12.22 -10.95
C SER A 451 -3.34 -11.26 -9.82
N LEU A 452 -4.14 -10.22 -10.09
CA LEU A 452 -4.58 -9.27 -9.07
C LEU A 452 -3.41 -8.51 -8.47
N ASN A 453 -2.33 -8.37 -9.23
CA ASN A 453 -1.16 -7.62 -8.79
C ASN A 453 -1.05 -6.25 -9.46
N ALA A 454 -1.94 -5.94 -10.40
CA ALA A 454 -1.98 -4.65 -11.07
C ALA A 454 -3.43 -4.31 -11.36
N PRO A 455 -3.83 -3.04 -11.23
CA PRO A 455 -5.23 -2.68 -11.49
C PRO A 455 -5.61 -2.90 -12.95
N GLN A 456 -6.90 -3.18 -13.15
CA GLN A 456 -7.44 -3.33 -14.51
C GLN A 456 -7.14 -2.12 -15.39
N ALA A 457 -7.07 -0.93 -14.78
CA ALA A 457 -6.81 0.30 -15.54
C ALA A 457 -5.41 0.35 -16.14
N GLU A 458 -4.50 -0.53 -15.72
CA GLU A 458 -3.18 -0.58 -16.34
C GLU A 458 -3.25 -0.98 -17.80
N LEU A 459 -4.30 -1.70 -18.21
CA LEU A 459 -4.44 -2.11 -19.60
C LEU A 459 -4.94 -0.97 -20.50
N GLY A 460 -5.20 0.20 -19.94
CA GLY A 460 -5.46 1.38 -20.75
C GLY A 460 -4.31 2.36 -20.65
N SER A 461 -3.33 2.04 -19.80
CA SER A 461 -2.18 2.91 -19.59
C SER A 461 -1.38 3.06 -20.88
N ASN A 462 -0.65 4.18 -20.97
CA ASN A 462 0.29 4.37 -22.07
C ASN A 462 1.33 3.27 -22.12
N ARG A 463 1.84 2.87 -20.94
CA ARG A 463 2.78 1.75 -20.87
C ARG A 463 2.26 0.52 -21.62
N PHE A 464 1.01 0.14 -21.37
CA PHE A 464 0.47 -1.05 -22.03
C PHE A 464 0.19 -0.78 -23.50
N LEU A 465 -0.30 0.42 -23.81
CA LEU A 465 -0.55 0.78 -25.22
C LEU A 465 0.73 0.71 -26.04
N MET A 466 1.87 1.04 -25.42
CA MET A 466 3.14 1.01 -26.16
C MET A 466 3.70 -0.41 -26.26
N ALA A 467 3.50 -1.22 -25.21
CA ALA A 467 3.81 -2.64 -25.33
C ALA A 467 2.95 -3.30 -26.40
N MET A 468 1.66 -2.98 -26.41
CA MET A 468 0.73 -3.54 -27.39
C MET A 468 1.16 -3.21 -28.82
N ARG A 469 1.77 -2.05 -29.03
CA ARG A 469 2.10 -1.59 -30.37
C ARG A 469 3.53 -1.86 -30.80
N ALA A 470 4.49 -1.80 -29.88
CA ALA A 470 5.91 -1.88 -30.23
C ALA A 470 6.49 -3.28 -30.10
N ASP A 471 5.91 -4.14 -29.27
CA ASP A 471 6.51 -5.45 -29.03
C ASP A 471 6.31 -6.37 -30.23
N GLU A 472 7.22 -7.33 -30.37
CA GLU A 472 7.09 -8.33 -31.41
C GLU A 472 5.83 -9.17 -31.16
N ARG A 473 5.27 -9.69 -32.24
CA ARG A 473 4.14 -10.61 -32.14
C ARG A 473 4.54 -11.93 -32.80
N LEU A 474 4.60 -12.98 -32.00
CA LEU A 474 4.93 -14.29 -32.52
C LEU A 474 3.81 -14.79 -33.43
N PRO A 475 4.10 -15.73 -34.32
CA PRO A 475 3.06 -16.26 -35.21
C PRO A 475 1.94 -16.95 -34.45
N GLU A 476 0.78 -17.00 -35.09
CA GLU A 476 -0.37 -17.74 -34.55
C GLU A 476 -0.02 -19.20 -34.35
N LEU A 477 -0.32 -19.73 -33.17
CA LEU A 477 -0.22 -21.16 -32.94
C LEU A 477 -1.41 -21.85 -33.61
N THR A 478 -1.13 -22.73 -34.56
CA THR A 478 -2.18 -23.50 -35.23
C THR A 478 -2.67 -24.66 -34.38
N ALA A 479 -1.82 -25.22 -33.52
CA ALA A 479 -2.15 -26.35 -32.67
C ALA A 479 -1.87 -25.99 -31.22
N PRO A 480 -2.55 -26.62 -30.27
CA PRO A 480 -2.27 -26.36 -28.85
C PRO A 480 -0.81 -26.61 -28.53
N PRO A 481 -0.15 -25.70 -27.80
CA PRO A 481 1.30 -25.79 -27.61
C PRO A 481 1.69 -26.74 -26.49
N PHE A 482 1.57 -28.03 -26.77
CA PHE A 482 2.08 -29.07 -25.88
C PHE A 482 3.49 -29.47 -26.29
N LEU A 483 4.36 -29.60 -25.29
CA LEU A 483 5.64 -30.26 -25.50
C LEU A 483 5.41 -31.73 -25.84
N PRO A 484 6.30 -32.36 -26.61
CA PRO A 484 6.12 -33.79 -26.89
C PRO A 484 6.12 -34.66 -25.64
N GLU A 485 7.04 -34.41 -24.70
CA GLU A 485 7.02 -35.09 -23.41
C GLU A 485 5.64 -35.04 -22.77
N GLU A 486 4.98 -33.88 -22.82
CA GLU A 486 3.71 -33.71 -22.13
C GLU A 486 2.63 -34.60 -22.75
N LEU A 487 2.58 -34.67 -24.08
CA LEU A 487 1.64 -35.57 -24.73
C LEU A 487 1.96 -37.03 -24.43
N ALA A 488 3.25 -37.35 -24.22
CA ALA A 488 3.64 -38.71 -23.87
C ALA A 488 3.12 -39.09 -22.48
N VAL A 489 3.10 -38.13 -21.55
CA VAL A 489 2.66 -38.43 -20.19
C VAL A 489 1.20 -38.86 -20.17
N VAL A 490 0.38 -38.35 -21.10
CA VAL A 490 -1.04 -38.65 -21.15
C VAL A 490 -1.38 -39.57 -22.32
N GLY A 491 -0.40 -40.02 -23.09
CA GLY A 491 -0.64 -40.96 -24.17
C GLY A 491 -1.39 -40.36 -25.34
N LEU A 492 -0.94 -39.22 -25.82
CA LEU A 492 -1.47 -38.57 -27.02
C LEU A 492 -0.32 -38.17 -27.92
N ASP A 493 -0.63 -37.81 -29.16
CA ASP A 493 0.28 -37.02 -29.97
C ASP A 493 -0.58 -36.23 -30.95
N ALA A 494 0.03 -35.77 -32.05
CA ALA A 494 -0.68 -34.98 -33.06
C ALA A 494 -1.15 -33.69 -32.35
N ALA A 495 -2.38 -33.26 -32.57
CA ALA A 495 -2.87 -32.03 -31.95
C ALA A 495 -3.41 -32.28 -30.54
N THR B 19 -10.79 11.71 -21.44
CA THR B 19 -9.78 10.67 -21.54
C THR B 19 -8.52 11.09 -20.74
N ARG B 20 -7.46 10.31 -20.86
CA ARG B 20 -6.23 10.52 -20.11
C ARG B 20 -5.67 11.92 -20.31
N PRO B 21 -5.05 12.50 -19.27
CA PRO B 21 -4.27 13.71 -19.46
C PRO B 21 -3.11 13.48 -20.43
N ALA B 22 -2.80 14.53 -21.20
CA ALA B 22 -1.77 14.45 -22.22
C ALA B 22 -0.52 15.26 -21.93
N HIS B 23 -0.64 16.36 -21.20
CA HIS B 23 0.52 17.21 -20.89
C HIS B 23 0.42 17.68 -19.45
N ALA B 24 1.49 17.45 -18.68
CA ALA B 24 1.54 17.83 -17.27
C ALA B 24 2.75 18.74 -17.02
N VAL B 25 2.52 19.83 -16.31
CA VAL B 25 3.57 20.75 -15.89
C VAL B 25 3.85 20.55 -14.41
N VAL B 26 5.07 20.13 -14.08
CA VAL B 26 5.52 20.05 -12.70
C VAL B 26 6.22 21.36 -12.36
N LEU B 27 5.72 22.06 -11.34
CA LEU B 27 6.29 23.34 -10.93
C LEU B 27 7.27 23.08 -9.78
N GLY B 28 8.55 23.27 -10.06
CA GLY B 28 9.59 23.03 -9.07
C GLY B 28 10.34 21.76 -9.41
N ALA B 29 11.67 21.78 -9.24
CA ALA B 29 12.52 20.65 -9.60
C ALA B 29 13.40 20.23 -8.44
N SER B 30 12.90 20.34 -7.21
CA SER B 30 13.59 19.76 -6.06
C SER B 30 13.11 18.34 -5.85
N MET B 31 13.15 17.85 -4.60
CA MET B 31 12.87 16.44 -4.34
C MET B 31 11.47 16.06 -4.80
N ALA B 32 10.46 16.83 -4.39
CA ALA B 32 9.09 16.50 -4.74
C ALA B 32 8.85 16.57 -6.24
N GLY B 33 9.15 17.73 -6.84
CA GLY B 33 8.91 17.91 -8.26
C GLY B 33 9.61 16.89 -9.13
N THR B 34 10.88 16.61 -8.84
CA THR B 34 11.66 15.71 -9.68
C THR B 34 11.07 14.32 -9.69
N LEU B 35 10.73 13.79 -8.51
CA LEU B 35 10.14 12.46 -8.42
C LEU B 35 8.78 12.41 -9.11
N ALA B 36 7.96 13.44 -8.92
CA ALA B 36 6.65 13.48 -9.56
C ALA B 36 6.80 13.58 -11.08
N ALA B 37 7.78 14.35 -11.55
CA ALA B 37 7.99 14.49 -12.99
C ALA B 37 8.38 13.16 -13.61
N HIS B 38 9.30 12.44 -12.97
CA HIS B 38 9.69 11.12 -13.46
C HIS B 38 8.50 10.17 -13.49
N VAL B 39 7.65 10.26 -12.48
CA VAL B 39 6.52 9.35 -12.35
C VAL B 39 5.41 9.71 -13.34
N LEU B 40 5.08 11.00 -13.44
CA LEU B 40 4.07 11.42 -14.40
C LEU B 40 4.48 11.08 -15.82
N ALA B 41 5.79 11.13 -16.11
CA ALA B 41 6.28 10.78 -17.44
C ALA B 41 5.99 9.33 -17.81
N ARG B 42 5.77 8.46 -16.83
CA ARG B 42 5.41 7.08 -17.14
C ARG B 42 3.96 6.95 -17.59
N HIS B 43 3.11 7.92 -17.25
CA HIS B 43 1.70 7.88 -17.57
C HIS B 43 1.24 8.97 -18.52
N VAL B 44 1.98 10.07 -18.62
CA VAL B 44 1.59 11.21 -19.44
C VAL B 44 2.55 11.33 -20.61
N ASP B 45 1.99 11.63 -21.78
CA ASP B 45 2.81 11.71 -23.00
C ASP B 45 3.89 12.78 -22.88
N ALA B 46 3.52 13.97 -22.40
CA ALA B 46 4.44 15.09 -22.34
C ALA B 46 4.48 15.65 -20.92
N VAL B 47 5.69 15.87 -20.40
CA VAL B 47 5.85 16.49 -19.08
C VAL B 47 6.95 17.54 -19.14
N THR B 48 6.56 18.80 -18.95
CA THR B 48 7.45 19.93 -18.70
C THR B 48 7.57 20.26 -17.22
N VAL B 49 8.80 20.44 -16.75
CA VAL B 49 9.10 20.90 -15.39
C VAL B 49 9.58 22.35 -15.45
N VAL B 50 8.97 23.19 -14.62
CA VAL B 50 9.29 24.61 -14.53
C VAL B 50 10.06 24.85 -13.24
N GLU B 51 11.36 25.17 -13.37
CA GLU B 51 12.23 25.39 -12.22
C GLU B 51 12.81 26.80 -12.29
N ARG B 52 12.70 27.53 -11.17
CA ARG B 52 13.17 28.91 -11.12
C ARG B 52 14.69 28.99 -11.24
N ASP B 53 15.42 28.14 -10.53
CA ASP B 53 16.86 28.20 -10.55
C ASP B 53 17.42 27.50 -11.78
N ALA B 54 18.71 27.74 -12.03
CA ALA B 54 19.48 26.87 -12.91
C ALA B 54 19.95 25.66 -12.12
N LEU B 55 19.89 24.49 -12.75
CA LEU B 55 20.20 23.25 -12.06
C LEU B 55 21.62 22.82 -12.39
N PRO B 56 22.51 22.76 -11.39
CA PRO B 56 23.91 22.41 -11.68
C PRO B 56 24.06 20.94 -12.02
N GLU B 57 25.01 20.66 -12.91
CA GLU B 57 25.40 19.29 -13.23
C GLU B 57 26.51 18.79 -12.31
N GLU B 58 27.02 19.64 -11.42
CA GLU B 58 27.95 19.30 -10.36
C GLU B 58 27.28 19.57 -9.01
N PRO B 59 27.59 18.78 -7.98
CA PRO B 59 26.95 18.98 -6.67
C PRO B 59 27.21 20.37 -6.10
N GLN B 60 26.18 21.22 -6.08
CA GLN B 60 26.32 22.61 -5.69
C GLN B 60 25.02 23.09 -5.06
N HIS B 61 25.16 23.98 -4.07
CA HIS B 61 24.00 24.58 -3.46
C HIS B 61 23.33 25.55 -4.45
N ARG B 62 22.10 25.95 -4.12
CA ARG B 62 21.37 26.84 -5.02
C ARG B 62 20.26 27.54 -4.23
N LYS B 63 19.88 28.73 -4.72
CA LYS B 63 18.97 29.61 -4.00
C LYS B 63 17.63 28.97 -3.70
N GLY B 64 17.19 28.02 -4.53
CA GLY B 64 15.88 27.44 -4.37
C GLY B 64 15.76 26.44 -3.24
N VAL B 65 16.88 25.84 -2.83
CA VAL B 65 16.88 24.87 -1.74
C VAL B 65 17.86 25.36 -0.67
N PRO B 66 17.54 26.43 0.06
CA PRO B 66 18.49 26.91 1.09
C PRO B 66 18.63 25.95 2.25
N GLN B 67 17.65 25.07 2.47
CA GLN B 67 17.77 24.04 3.50
C GLN B 67 18.90 23.07 3.24
N ALA B 68 19.38 22.99 1.99
CA ALA B 68 20.43 22.03 1.65
C ALA B 68 21.70 22.27 2.43
N ARG B 69 21.87 23.46 3.03
CA ARG B 69 23.03 23.72 3.86
C ARG B 69 23.01 22.93 5.15
N HIS B 70 21.82 22.54 5.61
CA HIS B 70 21.64 21.91 6.91
C HIS B 70 21.54 20.39 6.77
N ALA B 71 21.70 19.71 7.90
CA ALA B 71 21.70 18.24 7.92
C ALA B 71 20.43 17.68 7.29
N HIS B 72 20.61 16.63 6.49
CA HIS B 72 19.50 15.99 5.79
C HIS B 72 19.67 14.48 5.90
N LEU B 73 18.78 13.84 6.65
CA LEU B 73 18.70 12.39 6.71
C LEU B 73 17.66 11.89 5.71
N LEU B 74 18.05 10.92 4.89
CA LEU B 74 17.10 10.20 4.04
C LEU B 74 16.77 8.90 4.75
N TRP B 75 15.67 8.90 5.50
CA TRP B 75 15.26 7.72 6.26
C TRP B 75 14.97 6.56 5.31
N SER B 76 15.01 5.35 5.87
CA SER B 76 14.81 4.13 5.09
C SER B 76 13.55 4.20 4.22
N ASN B 77 12.45 4.72 4.77
CA ASN B 77 11.21 4.85 4.01
C ASN B 77 11.42 5.57 2.68
N GLY B 78 11.92 6.81 2.74
CA GLY B 78 12.19 7.55 1.52
C GLY B 78 13.17 6.83 0.60
N ALA B 79 14.25 6.29 1.18
CA ALA B 79 15.28 5.64 0.37
C ALA B 79 14.71 4.46 -0.42
N ARG B 80 13.91 3.62 0.24
CA ARG B 80 13.36 2.46 -0.45
C ARG B 80 12.36 2.88 -1.53
N LEU B 81 11.59 3.93 -1.27
CA LEU B 81 10.66 4.43 -2.28
C LEU B 81 11.42 4.98 -3.48
N ILE B 82 12.49 5.74 -3.25
CA ILE B 82 13.31 6.23 -4.34
C ILE B 82 13.99 5.07 -5.07
N GLU B 83 14.50 4.10 -4.32
CA GLU B 83 15.16 2.95 -4.93
C GLU B 83 14.23 2.18 -5.85
N GLU B 84 12.95 2.08 -5.49
CA GLU B 84 12.00 1.34 -6.32
C GLU B 84 11.62 2.13 -7.58
N MET B 85 11.39 3.43 -7.44
CA MET B 85 11.12 4.26 -8.62
C MET B 85 12.35 4.41 -9.50
N LEU B 86 13.53 4.49 -8.89
CA LEU B 86 14.78 4.79 -9.60
C LEU B 86 15.84 3.79 -9.17
N PRO B 87 15.79 2.57 -9.70
CA PRO B 87 16.81 1.55 -9.35
C PRO B 87 18.22 2.04 -9.60
N GLY B 88 19.12 1.70 -8.68
CA GLY B 88 20.52 2.07 -8.78
C GLY B 88 20.91 3.32 -8.02
N THR B 89 19.94 4.10 -7.54
CA THR B 89 20.26 5.36 -6.89
C THR B 89 21.03 5.14 -5.59
N THR B 90 20.71 4.09 -4.85
CA THR B 90 21.42 3.80 -3.60
C THR B 90 22.89 3.54 -3.86
N ASP B 91 23.20 2.65 -4.81
CA ASP B 91 24.59 2.36 -5.14
C ASP B 91 25.32 3.61 -5.62
N ARG B 92 24.64 4.46 -6.39
CA ARG B 92 25.26 5.68 -6.87
C ARG B 92 25.59 6.64 -5.74
N LEU B 93 24.70 6.74 -4.75
CA LEU B 93 24.96 7.63 -3.61
C LEU B 93 26.17 7.16 -2.81
N LEU B 94 26.26 5.86 -2.56
CA LEU B 94 27.38 5.34 -1.78
C LEU B 94 28.67 5.36 -2.59
N ALA B 95 28.57 5.18 -3.91
CA ALA B 95 29.73 5.39 -4.77
C ALA B 95 30.27 6.80 -4.62
N ALA B 96 29.39 7.79 -4.43
CA ALA B 96 29.81 9.18 -4.25
C ALA B 96 30.28 9.49 -2.84
N GLY B 97 30.38 8.49 -1.97
CA GLY B 97 30.89 8.68 -0.62
C GLY B 97 29.84 8.84 0.46
N ALA B 98 28.55 8.75 0.11
CA ALA B 98 27.51 8.78 1.13
C ALA B 98 27.65 7.59 2.07
N ARG B 99 27.05 7.72 3.24
CA ARG B 99 27.08 6.68 4.26
C ARG B 99 25.66 6.29 4.64
N ARG B 100 25.46 5.00 4.87
CA ARG B 100 24.20 4.46 5.38
C ARG B 100 24.34 4.26 6.88
N LEU B 101 23.76 5.18 7.65
CA LEU B 101 23.75 5.05 9.11
C LEU B 101 22.74 4.01 9.55
N GLY B 102 23.19 3.02 10.31
CA GLY B 102 22.29 2.04 10.89
C GLY B 102 21.82 2.51 12.25
N PHE B 103 20.50 2.46 12.47
CA PHE B 103 19.92 2.91 13.72
C PHE B 103 19.48 1.73 14.58
N PRO B 104 19.77 1.75 15.88
CA PRO B 104 20.54 2.81 16.56
C PRO B 104 22.03 2.52 16.62
N GLU B 105 22.48 1.47 15.93
CA GLU B 105 23.82 0.94 16.13
C GLU B 105 24.90 1.98 15.82
N ASP B 106 24.71 2.77 14.77
CA ASP B 106 25.76 3.65 14.27
C ASP B 106 25.64 5.07 14.81
N LEU B 107 24.93 5.27 15.91
CA LEU B 107 24.76 6.60 16.48
C LEU B 107 25.01 6.60 17.98
N VAL B 108 25.48 7.73 18.48
CA VAL B 108 25.58 8.02 19.90
C VAL B 108 24.56 9.10 20.19
N THR B 109 23.45 8.71 20.81
CA THR B 109 22.31 9.60 20.99
C THR B 109 22.01 9.79 22.46
N LEU B 110 21.86 11.04 22.87
CA LEU B 110 21.40 11.37 24.22
C LEU B 110 19.94 11.80 24.14
N THR B 111 19.08 11.11 24.87
CA THR B 111 17.67 11.45 24.98
C THR B 111 17.38 12.03 26.35
N GLY B 112 16.13 12.46 26.52
CA GLY B 112 15.66 12.90 27.82
C GLY B 112 15.76 11.86 28.91
N GLN B 113 15.82 10.58 28.55
CA GLN B 113 15.83 9.49 29.51
C GLN B 113 17.20 8.85 29.67
N GLY B 114 18.19 9.33 28.94
CA GLY B 114 19.54 8.79 29.02
C GLY B 114 20.05 8.41 27.64
N TRP B 115 21.24 7.83 27.64
CA TRP B 115 21.90 7.45 26.40
C TRP B 115 21.20 6.27 25.76
N GLN B 116 21.15 6.28 24.43
CA GLN B 116 20.57 5.18 23.67
C GLN B 116 21.58 4.04 23.57
N HIS B 117 21.18 2.86 24.01
CA HIS B 117 22.00 1.66 23.78
C HIS B 117 22.10 1.39 22.28
N ARG B 118 23.34 1.20 21.81
CA ARG B 118 23.57 1.01 20.38
C ARG B 118 23.24 -0.44 20.00
N PHE B 119 21.96 -0.75 20.09
CA PHE B 119 21.47 -2.05 19.65
C PHE B 119 21.76 -2.26 18.17
N PRO B 120 21.88 -3.51 17.71
CA PRO B 120 22.08 -3.76 16.29
C PRO B 120 21.05 -3.05 15.43
N ALA B 121 21.51 -2.53 14.29
CA ALA B 121 20.68 -1.70 13.44
C ALA B 121 19.43 -2.44 12.97
N THR B 122 18.26 -1.85 13.23
CA THR B 122 17.01 -2.36 12.71
C THR B 122 16.39 -1.46 11.65
N GLN B 123 16.91 -0.24 11.49
CA GLN B 123 16.54 0.66 10.40
C GLN B 123 17.79 1.38 9.94
N PHE B 124 17.65 2.19 8.89
CA PHE B 124 18.79 2.90 8.33
C PHE B 124 18.34 4.24 7.77
N ALA B 125 19.30 5.16 7.65
CA ALA B 125 19.12 6.39 6.91
C ALA B 125 20.32 6.62 6.01
N LEU B 126 20.08 7.21 4.85
CA LEU B 126 21.16 7.61 3.95
C LEU B 126 21.54 9.05 4.27
N VAL B 127 22.83 9.27 4.55
CA VAL B 127 23.31 10.59 4.92
C VAL B 127 24.40 11.00 3.95
N ALA B 128 24.34 12.25 3.50
CA ALA B 128 25.20 12.85 2.50
C ALA B 128 24.76 14.30 2.37
N SER B 129 25.64 15.12 1.79
CA SER B 129 25.26 16.49 1.49
C SER B 129 24.01 16.50 0.62
N ARG B 130 23.04 17.33 1.00
CA ARG B 130 21.79 17.39 0.25
C ARG B 130 22.00 17.72 -1.23
N PRO B 131 22.87 18.66 -1.63
CA PRO B 131 23.08 18.87 -3.08
C PRO B 131 23.59 17.64 -3.81
N LEU B 132 24.40 16.80 -3.16
CA LEU B 132 24.82 15.56 -3.81
C LEU B 132 23.63 14.63 -4.04
N LEU B 133 22.73 14.54 -3.04
CA LEU B 133 21.54 13.72 -3.21
C LEU B 133 20.62 14.30 -4.28
N ASP B 134 20.49 15.62 -4.32
CA ASP B 134 19.63 16.28 -5.30
C ASP B 134 20.11 16.00 -6.73
N LEU B 135 21.41 16.15 -6.97
CA LEU B 135 21.93 15.99 -8.32
C LEU B 135 21.78 14.56 -8.81
N THR B 136 22.13 13.57 -7.98
CA THR B 136 22.10 12.19 -8.43
C THR B 136 20.69 11.67 -8.63
N VAL B 137 19.70 12.26 -7.97
CA VAL B 137 18.31 11.87 -8.23
C VAL B 137 17.82 12.52 -9.52
N ARG B 138 18.13 13.80 -9.71
CA ARG B 138 17.83 14.47 -10.98
C ARG B 138 18.43 13.71 -12.16
N GLN B 139 19.67 13.24 -12.02
CA GLN B 139 20.31 12.48 -13.10
C GLN B 139 19.50 11.25 -13.47
N GLN B 140 19.11 10.46 -12.47
CA GLN B 140 18.36 9.23 -12.72
C GLN B 140 16.96 9.52 -13.23
N ALA B 141 16.38 10.67 -12.90
CA ALA B 141 14.95 10.89 -13.08
C ALA B 141 14.58 11.73 -14.30
N LEU B 142 15.31 12.81 -14.57
CA LEU B 142 14.88 13.76 -15.61
C LEU B 142 15.45 13.44 -16.99
N GLY B 143 16.26 12.39 -17.13
CA GLY B 143 16.79 12.01 -18.43
C GLY B 143 15.75 11.56 -19.43
N ALA B 144 14.54 11.25 -18.96
CA ALA B 144 13.51 10.61 -19.78
C ALA B 144 13.25 11.39 -21.08
N ASP B 145 12.84 10.64 -22.11
CA ASP B 145 12.63 11.23 -23.43
C ASP B 145 11.56 12.32 -23.40
N ASN B 146 10.49 12.12 -22.64
CA ASN B 146 9.32 12.98 -22.69
C ASN B 146 9.26 13.98 -21.54
N ILE B 147 10.37 14.26 -20.87
CA ILE B 147 10.44 15.36 -19.91
C ILE B 147 11.40 16.42 -20.43
N THR B 148 10.88 17.62 -20.64
CA THR B 148 11.70 18.79 -20.98
C THR B 148 11.70 19.70 -19.76
N VAL B 149 12.89 20.01 -19.25
CA VAL B 149 13.05 20.88 -18.10
C VAL B 149 13.44 22.26 -18.62
N ARG B 150 12.67 23.28 -18.24
CA ARG B 150 12.99 24.64 -18.68
C ARG B 150 13.44 25.37 -17.41
N GLN B 151 14.77 25.42 -17.20
CA GLN B 151 15.35 26.10 -16.06
C GLN B 151 15.18 27.61 -16.19
N ARG B 152 15.50 28.33 -15.11
CA ARG B 152 15.46 29.79 -15.08
C ARG B 152 14.11 30.32 -15.58
N THR B 153 13.04 29.62 -15.20
CA THR B 153 11.68 30.01 -15.55
C THR B 153 10.82 29.92 -14.30
N GLU B 154 10.03 30.95 -14.03
CA GLU B 154 9.22 31.02 -12.83
C GLU B 154 7.74 30.98 -13.19
N ALA B 155 7.00 30.10 -12.51
CA ALA B 155 5.55 30.13 -12.56
C ALA B 155 5.02 31.20 -11.60
N VAL B 156 4.17 32.08 -12.10
CA VAL B 156 3.69 33.22 -11.32
C VAL B 156 2.23 33.05 -10.92
N GLU B 157 1.39 32.51 -11.80
CA GLU B 157 -0.01 32.32 -11.44
C GLU B 157 -0.64 31.28 -12.35
N LEU B 158 -1.86 30.89 -12.00
CA LEU B 158 -2.60 29.85 -12.69
C LEU B 158 -3.72 30.42 -13.55
N THR B 159 -3.94 29.73 -14.67
CA THR B 159 -5.01 29.93 -15.65
C THR B 159 -6.11 28.87 -15.54
N GLY B 160 -7.30 29.25 -16.04
CA GLY B 160 -8.44 28.36 -16.07
C GLY B 160 -9.66 28.97 -15.43
N SER B 161 -10.65 28.11 -15.19
CA SER B 161 -11.86 28.45 -14.47
C SER B 161 -11.67 28.08 -12.99
N GLY B 162 -12.62 28.49 -12.16
CA GLY B 162 -12.52 28.18 -10.75
C GLY B 162 -13.71 28.72 -9.99
N GLY B 163 -13.93 28.12 -8.82
CA GLY B 163 -15.02 28.57 -7.97
C GLY B 163 -16.38 28.11 -8.44
N GLY B 164 -17.15 27.52 -7.54
CA GLY B 164 -18.47 27.03 -7.85
C GLY B 164 -18.40 25.78 -8.71
N SER B 165 -19.34 24.86 -8.46
CA SER B 165 -19.49 23.65 -9.27
C SER B 165 -18.18 22.88 -9.37
N GLY B 166 -17.54 22.91 -10.54
CA GLY B 166 -16.30 22.17 -10.76
C GLY B 166 -15.30 22.85 -11.65
N GLY B 167 -14.71 23.94 -11.19
CA GLY B 167 -13.71 24.65 -11.97
C GLY B 167 -12.48 23.82 -12.23
N ARG B 168 -11.67 24.27 -13.19
CA ARG B 168 -10.49 23.53 -13.61
C ARG B 168 -9.34 24.49 -13.86
N VAL B 169 -8.12 23.99 -13.70
CA VAL B 169 -6.91 24.72 -14.04
C VAL B 169 -6.49 24.31 -15.44
N THR B 170 -6.28 25.30 -16.31
CA THR B 170 -6.02 25.06 -17.72
C THR B 170 -4.53 25.06 -18.07
N GLY B 171 -3.69 25.60 -17.21
CA GLY B 171 -2.31 25.83 -17.56
C GLY B 171 -1.67 26.74 -16.54
N VAL B 172 -0.47 27.20 -16.87
CA VAL B 172 0.34 28.00 -15.96
C VAL B 172 0.98 29.14 -16.73
N VAL B 173 0.96 30.34 -16.15
CA VAL B 173 1.67 31.48 -16.70
C VAL B 173 3.09 31.44 -16.18
N VAL B 174 4.04 31.26 -17.09
CA VAL B 174 5.46 31.17 -16.75
C VAL B 174 6.15 32.41 -17.28
N ARG B 175 7.25 32.78 -16.63
CA ARG B 175 8.02 33.96 -17.01
C ARG B 175 9.49 33.57 -17.15
N ASP B 176 9.99 33.55 -18.39
CA ASP B 176 11.40 33.33 -18.64
C ASP B 176 12.22 34.38 -17.89
N LEU B 177 13.21 33.92 -17.12
CA LEU B 177 14.01 34.81 -16.30
C LEU B 177 15.16 35.46 -17.06
N ASP B 178 15.87 34.70 -17.89
CA ASP B 178 16.99 35.28 -18.62
C ASP B 178 16.52 36.28 -19.68
N SER B 179 15.24 36.23 -20.02
CA SER B 179 14.60 37.07 -21.04
C SER B 179 13.71 38.21 -20.54
N GLY B 180 12.85 37.93 -19.56
CA GLY B 180 11.76 38.81 -19.24
C GLY B 180 10.47 38.43 -19.91
N ARG B 181 10.48 37.35 -20.69
CA ARG B 181 9.34 36.85 -21.45
C ARG B 181 8.31 36.18 -20.56
N GLN B 182 7.18 35.89 -21.19
CA GLN B 182 6.03 35.68 -20.35
C GLN B 182 4.94 35.01 -21.20
N GLU B 183 5.19 33.74 -21.53
CA GLU B 183 4.30 32.94 -22.36
C GLU B 183 3.46 31.99 -21.51
N GLN B 184 2.22 31.76 -21.93
CA GLN B 184 1.34 30.91 -21.14
C GLN B 184 1.48 29.47 -21.57
N LEU B 185 1.67 28.59 -20.60
CA LEU B 185 1.94 27.18 -20.83
C LEU B 185 0.71 26.39 -20.39
N GLU B 186 -0.04 25.89 -21.37
CA GLU B 186 -1.25 25.15 -21.10
C GLU B 186 -0.95 23.68 -20.86
N ALA B 187 -1.81 23.05 -20.07
CA ALA B 187 -1.58 21.68 -19.63
C ALA B 187 -2.89 21.08 -19.17
N ASP B 188 -2.96 19.75 -19.22
CA ASP B 188 -4.12 19.04 -18.68
C ASP B 188 -4.00 18.83 -17.18
N LEU B 189 -2.79 18.86 -16.64
CA LEU B 189 -2.54 18.66 -15.22
C LEU B 189 -1.39 19.55 -14.79
N VAL B 190 -1.52 20.17 -13.62
CA VAL B 190 -0.47 21.05 -13.08
C VAL B 190 -0.20 20.63 -11.64
N ILE B 191 1.08 20.49 -11.31
CA ILE B 191 1.54 19.99 -10.01
C ILE B 191 2.35 21.10 -9.33
N ASP B 192 1.83 21.61 -8.21
CA ASP B 192 2.58 22.57 -7.40
C ASP B 192 3.53 21.81 -6.50
N ALA B 193 4.83 21.89 -6.78
CA ALA B 193 5.88 21.32 -5.95
C ALA B 193 6.94 22.37 -5.66
N THR B 194 6.51 23.60 -5.40
CA THR B 194 7.41 24.74 -5.23
C THR B 194 7.80 24.96 -3.77
N GLY B 195 7.62 23.96 -2.91
CA GLY B 195 8.19 23.97 -1.59
C GLY B 195 7.39 24.75 -0.56
N ARG B 196 8.04 24.95 0.59
CA ARG B 196 7.39 25.61 1.73
C ARG B 196 6.99 27.04 1.40
N GLY B 197 7.75 27.72 0.55
CA GLY B 197 7.45 29.10 0.19
C GLY B 197 6.73 29.26 -1.13
N SER B 198 5.65 28.51 -1.33
CA SER B 198 4.87 28.55 -2.56
C SER B 198 3.70 29.52 -2.43
N ARG B 199 3.38 30.21 -3.52
CA ARG B 199 2.28 31.16 -3.55
C ARG B 199 0.95 30.50 -3.91
N LEU B 200 0.85 29.18 -3.73
CA LEU B 200 -0.37 28.43 -4.01
C LEU B 200 -1.63 29.13 -3.49
N LYS B 201 -1.60 29.59 -2.24
CA LYS B 201 -2.75 30.28 -1.68
C LYS B 201 -3.11 31.52 -2.49
N GLN B 202 -2.11 32.29 -2.92
CA GLN B 202 -2.37 33.41 -3.81
C GLN B 202 -3.00 32.95 -5.12
N TRP B 203 -2.38 31.95 -5.77
CA TRP B 203 -2.92 31.44 -7.02
C TRP B 203 -4.34 30.95 -6.84
N LEU B 204 -4.65 30.35 -5.70
CA LEU B 204 -5.99 29.82 -5.53
C LEU B 204 -7.02 30.93 -5.25
N ALA B 205 -6.65 31.92 -4.43
CA ALA B 205 -7.59 33.01 -4.15
C ALA B 205 -7.90 33.83 -5.40
N ALA B 206 -6.90 34.05 -6.26
CA ALA B 206 -7.12 34.84 -7.48
C ALA B 206 -8.16 34.19 -8.39
N LEU B 207 -8.14 32.86 -8.49
CA LEU B 207 -9.07 32.12 -9.34
C LEU B 207 -10.39 31.82 -8.67
N GLY B 208 -10.61 32.36 -7.47
CA GLY B 208 -11.88 32.22 -6.79
C GLY B 208 -12.19 30.89 -6.14
N VAL B 209 -11.19 30.19 -5.62
CA VAL B 209 -11.48 28.96 -4.89
C VAL B 209 -11.38 29.28 -3.41
N PRO B 210 -12.29 28.77 -2.59
CA PRO B 210 -12.29 29.12 -1.16
C PRO B 210 -11.05 28.60 -0.46
N ALA B 211 -10.69 29.30 0.61
CA ALA B 211 -9.48 28.99 1.35
C ALA B 211 -9.57 27.59 1.93
N LEU B 212 -8.42 26.96 2.09
CA LEU B 212 -8.32 25.58 2.53
C LEU B 212 -8.13 25.49 4.04
N GLU B 213 -8.58 24.39 4.61
CA GLU B 213 -8.31 24.09 6.01
C GLU B 213 -6.81 23.86 6.22
N GLU B 214 -6.29 24.38 7.32
CA GLU B 214 -4.85 24.31 7.59
C GLU B 214 -4.62 24.08 9.08
N ASP B 215 -4.13 22.91 9.43
CA ASP B 215 -3.61 22.68 10.77
C ASP B 215 -2.16 23.14 10.84
N VAL B 216 -1.80 23.78 11.96
CA VAL B 216 -0.44 24.22 12.20
C VAL B 216 -0.10 23.97 13.66
N VAL B 217 1.05 23.35 13.90
CA VAL B 217 1.62 23.22 15.23
C VAL B 217 3.06 23.68 15.12
N ASP B 218 3.34 24.91 15.56
CA ASP B 218 4.61 25.59 15.31
C ASP B 218 5.32 25.80 16.64
N ALA B 219 6.44 25.10 16.85
CA ALA B 219 7.26 25.25 18.04
C ALA B 219 8.34 26.31 17.88
N GLY B 220 8.41 26.99 16.73
CA GLY B 220 9.41 28.02 16.53
C GLY B 220 10.81 27.46 16.45
N VAL B 221 11.00 26.42 15.64
CA VAL B 221 12.28 25.73 15.53
C VAL B 221 13.18 26.51 14.58
N ALA B 222 14.44 26.69 14.99
CA ALA B 222 15.47 27.30 14.16
C ALA B 222 16.71 26.42 14.15
N TYR B 223 17.56 26.61 13.13
CA TYR B 223 18.73 25.78 12.93
C TYR B 223 19.98 26.63 12.67
N ALA B 224 21.12 26.13 13.13
CA ALA B 224 22.42 26.74 12.87
C ALA B 224 23.41 25.64 12.51
N THR B 225 23.98 25.73 11.31
CA THR B 225 24.79 24.65 10.75
C THR B 225 26.17 25.14 10.34
N ARG B 226 27.18 24.32 10.63
CA ARG B 226 28.54 24.51 10.13
C ARG B 226 29.08 23.20 9.60
N LEU B 227 29.79 23.29 8.47
CA LEU B 227 30.55 22.16 7.97
C LEU B 227 31.94 22.18 8.58
N PHE B 228 32.44 20.99 8.90
CA PHE B 228 33.76 20.79 9.45
C PHE B 228 34.45 19.69 8.67
N LYS B 229 35.77 19.74 8.59
CA LYS B 229 36.51 18.61 8.05
C LYS B 229 36.74 17.62 9.16
N ALA B 230 36.36 16.36 8.91
CA ALA B 230 36.40 15.34 9.95
C ALA B 230 37.80 14.76 10.07
N PRO B 231 38.18 14.30 11.26
CA PRO B 231 39.41 13.54 11.41
C PRO B 231 39.45 12.38 10.43
N PRO B 232 40.62 12.08 9.87
CA PRO B 232 40.70 11.05 8.83
C PRO B 232 40.14 9.71 9.30
N GLY B 233 39.15 9.22 8.57
CA GLY B 233 38.51 7.95 8.86
C GLY B 233 37.27 8.05 9.71
N ALA B 234 37.02 9.19 10.36
CA ALA B 234 35.89 9.29 11.28
C ALA B 234 34.55 9.20 10.55
N THR B 235 34.50 9.61 9.28
CA THR B 235 33.27 9.47 8.51
C THR B 235 32.92 8.01 8.24
N THR B 236 33.85 7.09 8.48
CA THR B 236 33.64 5.67 8.27
C THR B 236 33.73 4.85 9.55
N HIS B 237 34.56 5.26 10.51
CA HIS B 237 34.78 4.50 11.73
C HIS B 237 34.35 5.24 12.99
N PHE B 238 33.67 6.38 12.86
CA PHE B 238 33.13 7.09 14.00
C PHE B 238 31.63 7.30 13.82
N PRO B 239 30.83 7.07 14.85
CA PRO B 239 29.39 7.19 14.71
C PRO B 239 28.94 8.64 14.64
N ALA B 240 27.71 8.83 14.17
CA ALA B 240 27.05 10.11 14.33
C ALA B 240 26.76 10.35 15.81
N VAL B 241 26.72 11.62 16.19
CA VAL B 241 26.52 12.03 17.57
C VAL B 241 25.29 12.92 17.63
N ASN B 242 24.31 12.52 18.44
CA ASN B 242 23.02 13.22 18.53
C ASN B 242 22.75 13.56 19.99
N ILE B 243 22.51 14.84 20.26
CA ILE B 243 22.25 15.35 21.61
C ILE B 243 20.87 15.98 21.63
N ALA B 244 19.89 15.26 22.19
CA ALA B 244 18.50 15.71 22.19
C ALA B 244 18.07 16.06 23.61
N ALA B 245 17.58 17.27 23.80
CA ALA B 245 17.15 17.73 25.11
C ALA B 245 15.91 16.98 25.60
N ASP B 246 15.82 16.88 26.92
CA ASP B 246 14.82 16.14 27.65
C ASP B 246 13.44 16.79 27.67
N ASP B 247 13.33 17.72 28.60
CA ASP B 247 12.14 18.47 28.90
C ASP B 247 11.64 19.26 27.69
N ARG B 248 10.35 19.59 27.79
CA ARG B 248 9.57 20.32 26.82
C ARG B 248 8.64 21.28 27.54
N VAL B 249 8.07 20.86 28.67
CA VAL B 249 7.03 21.68 29.30
C VAL B 249 7.62 22.83 30.09
N ARG B 250 8.83 22.67 30.61
CA ARG B 250 9.43 23.75 31.39
C ARG B 250 10.27 24.67 30.50
N GLU B 251 11.12 24.11 29.66
CA GLU B 251 12.16 24.88 29.00
C GLU B 251 12.18 24.63 27.51
N PRO B 252 12.51 25.64 26.71
CA PRO B 252 12.77 25.42 25.29
C PRO B 252 13.88 24.39 25.09
N GLY B 253 13.73 23.60 24.02
CA GLY B 253 14.74 22.60 23.71
C GLY B 253 15.99 23.20 23.08
N ARG B 254 17.11 22.53 23.33
CA ARG B 254 18.38 22.87 22.70
C ARG B 254 19.06 21.58 22.28
N PHE B 255 19.37 21.46 20.99
CA PHE B 255 19.86 20.20 20.44
C PHE B 255 21.03 20.44 19.50
N GLY B 256 21.75 19.37 19.23
CA GLY B 256 22.82 19.39 18.25
C GLY B 256 23.10 17.98 17.75
N VAL B 257 23.46 17.89 16.48
CA VAL B 257 23.81 16.62 15.86
C VAL B 257 25.02 16.83 14.96
N VAL B 258 25.85 15.80 14.85
CA VAL B 258 26.96 15.78 13.90
C VAL B 258 26.88 14.48 13.12
N TYR B 259 26.56 14.58 11.82
CA TYR B 259 26.52 13.46 10.90
C TYR B 259 27.76 13.44 10.02
N PRO B 260 28.25 12.26 9.65
CA PRO B 260 29.25 12.19 8.60
C PRO B 260 28.59 12.31 7.24
N ILE B 261 29.21 13.09 6.35
CA ILE B 261 28.75 13.24 4.98
C ILE B 261 29.91 12.91 4.05
N GLU B 262 29.62 12.89 2.76
CA GLU B 262 30.61 12.49 1.79
C GLU B 262 31.75 13.50 1.76
N GLY B 263 32.93 13.02 1.41
CA GLY B 263 34.10 13.87 1.37
C GLY B 263 34.82 14.05 2.68
N GLY B 264 34.79 13.05 3.56
CA GLY B 264 35.48 13.15 4.85
C GLY B 264 35.17 14.40 5.62
N ARG B 265 33.90 14.82 5.62
CA ARG B 265 33.49 16.04 6.29
C ARG B 265 32.46 15.73 7.36
N TRP B 266 32.37 16.63 8.34
CA TRP B 266 31.39 16.55 9.42
C TRP B 266 30.39 17.68 9.23
N LEU B 267 29.12 17.32 9.03
CA LEU B 267 28.03 18.30 9.02
C LEU B 267 27.47 18.40 10.42
N ALA B 268 27.64 19.57 11.04
CA ALA B 268 27.18 19.82 12.40
C ALA B 268 26.02 20.81 12.36
N THR B 269 24.86 20.38 12.83
CA THR B 269 23.65 21.20 12.83
C THR B 269 23.13 21.30 14.25
N LEU B 270 23.06 22.52 14.78
CA LEU B 270 22.46 22.76 16.09
C LEU B 270 21.09 23.40 15.91
N SER B 271 20.23 23.17 16.89
CA SER B 271 18.83 23.60 16.78
C SER B 271 18.28 23.94 18.16
N CYS B 272 17.23 24.75 18.16
CA CYS B 272 16.51 25.08 19.38
C CYS B 272 15.06 25.38 19.03
N THR B 273 14.23 25.47 20.06
CA THR B 273 12.83 25.85 19.91
C THR B 273 12.60 27.29 20.34
N ARG B 274 11.38 27.77 20.12
CA ARG B 274 11.04 29.14 20.51
C ARG B 274 11.29 29.35 22.00
N GLY B 275 11.90 30.48 22.33
CA GLY B 275 12.29 30.80 23.69
C GLY B 275 13.75 30.64 23.98
N ALA B 276 14.52 30.07 23.05
CA ALA B 276 15.95 29.91 23.18
C ALA B 276 16.65 30.74 22.10
N GLN B 277 17.97 30.83 22.23
CA GLN B 277 18.79 31.63 21.33
C GLN B 277 19.85 30.72 20.72
N LEU B 278 19.88 30.69 19.39
CA LEU B 278 20.82 29.88 18.63
C LEU B 278 22.13 30.62 18.43
N PRO B 279 23.20 29.92 18.04
CA PRO B 279 24.41 30.63 17.62
C PRO B 279 24.12 31.37 16.32
N THR B 280 24.11 32.70 16.37
CA THR B 280 23.91 33.48 15.15
C THR B 280 25.20 33.66 14.37
N HIS B 281 26.33 33.79 15.07
CA HIS B 281 27.61 34.06 14.46
C HIS B 281 28.56 32.89 14.72
N GLU B 282 29.76 32.99 14.16
CA GLU B 282 30.74 31.89 14.17
C GLU B 282 31.32 31.63 15.55
N ASP B 283 31.55 32.67 16.37
CA ASP B 283 32.22 32.48 17.65
C ASP B 283 31.36 31.89 18.76
N GLU B 284 30.03 31.81 18.61
CA GLU B 284 29.23 31.19 19.66
C GLU B 284 28.77 29.78 19.34
N PHE B 285 29.23 29.21 18.22
CA PHE B 285 28.84 27.86 17.85
C PHE B 285 29.26 26.85 18.91
N ILE B 286 30.56 26.76 19.17
CA ILE B 286 31.07 25.82 20.18
C ILE B 286 30.43 26.02 21.53
N PRO B 287 30.34 27.25 22.09
CA PRO B 287 29.71 27.42 23.41
C PRO B 287 28.27 26.94 23.49
N PHE B 288 27.54 26.86 22.37
CA PHE B 288 26.19 26.33 22.40
C PHE B 288 26.18 24.82 22.53
N ALA B 289 27.11 24.14 21.87
CA ALA B 289 27.25 22.70 22.07
C ALA B 289 27.88 22.42 23.43
N GLU B 290 28.51 23.41 24.04
CA GLU B 290 29.09 23.27 25.37
C GLU B 290 28.02 23.32 26.46
N ASN B 291 26.93 24.03 26.22
CA ASN B 291 25.86 24.16 27.21
C ASN B 291 24.80 23.08 27.07
N LEU B 292 25.00 22.08 26.20
CA LEU B 292 24.09 20.95 26.17
C LEU B 292 24.37 20.02 27.34
N ASN B 293 23.43 19.11 27.58
CA ASN B 293 23.51 18.24 28.75
C ASN B 293 24.76 17.37 28.76
N HIS B 294 25.47 17.24 27.63
CA HIS B 294 26.77 16.60 27.61
C HIS B 294 27.62 17.38 26.61
N PRO B 295 28.87 17.70 26.94
CA PRO B 295 29.70 18.53 26.07
C PRO B 295 30.36 17.79 24.92
N ILE B 296 29.93 16.58 24.61
CA ILE B 296 30.63 15.75 23.61
C ILE B 296 30.71 16.47 22.27
N LEU B 297 29.66 17.21 21.89
CA LEU B 297 29.66 17.90 20.62
C LEU B 297 30.70 19.02 20.57
N ALA B 298 30.73 19.86 21.61
CA ALA B 298 31.74 20.91 21.68
C ALA B 298 33.15 20.31 21.75
N ASP B 299 33.30 19.18 22.43
CA ASP B 299 34.60 18.52 22.51
C ASP B 299 35.03 17.97 21.15
N LEU B 300 34.08 17.46 20.37
CA LEU B 300 34.43 16.84 19.10
C LEU B 300 34.84 17.86 18.05
N LEU B 301 34.29 19.07 18.12
CA LEU B 301 34.58 20.12 17.15
C LEU B 301 35.57 21.15 17.67
N ARG B 302 36.08 20.95 18.88
CA ARG B 302 37.01 21.89 19.49
C ARG B 302 38.22 22.12 18.60
N ASP B 303 38.82 21.05 18.08
CA ASP B 303 40.02 21.14 17.26
C ASP B 303 39.78 20.66 15.83
N ALA B 304 38.54 20.69 15.37
CA ALA B 304 38.20 20.44 13.97
C ALA B 304 38.27 21.72 13.15
N GLU B 305 38.46 21.58 11.82
CA GLU B 305 38.48 22.76 10.96
C GLU B 305 37.09 23.12 10.48
N PRO B 306 36.67 24.34 10.73
CA PRO B 306 35.41 24.80 10.18
C PRO B 306 35.63 25.11 8.70
N LEU B 307 34.71 24.63 7.87
CA LEU B 307 34.83 24.77 6.43
C LEU B 307 33.87 25.80 5.87
N THR B 308 32.86 26.20 6.63
CA THR B 308 31.85 27.17 6.23
C THR B 308 31.64 28.16 7.36
N PRO B 309 31.01 29.29 7.09
CA PRO B 309 30.41 30.09 8.18
C PRO B 309 29.17 29.36 8.71
N VAL B 310 28.43 29.94 9.65
CA VAL B 310 27.22 29.28 10.14
C VAL B 310 26.05 29.66 9.23
N PHE B 311 25.31 28.66 8.77
CA PHE B 311 24.08 28.87 8.01
C PHE B 311 22.91 28.77 8.98
N GLY B 312 21.84 29.53 8.70
CA GLY B 312 20.71 29.58 9.59
C GLY B 312 19.43 29.22 8.86
N SER B 313 18.46 28.74 9.63
CA SER B 313 17.14 28.43 9.11
C SER B 313 16.11 28.69 10.19
N ARG B 314 14.95 29.20 9.78
CA ARG B 314 13.83 29.43 10.68
C ARG B 314 12.57 28.70 10.20
N SER B 315 12.74 27.72 9.32
CA SER B 315 11.62 26.96 8.76
C SER B 315 11.47 25.67 9.57
N GLY B 316 10.76 25.76 10.69
CA GLY B 316 10.62 24.63 11.58
C GLY B 316 9.18 24.34 11.98
N ALA B 317 8.22 24.92 11.27
CA ALA B 317 6.81 24.80 11.64
C ALA B 317 6.17 23.61 10.95
N ASN B 318 5.26 22.95 11.66
CA ASN B 318 4.46 21.85 11.11
C ASN B 318 3.21 22.45 10.47
N ARG B 319 3.11 22.35 9.14
CA ARG B 319 1.97 22.85 8.40
C ARG B 319 1.37 21.74 7.56
N ARG B 320 0.03 21.68 7.53
CA ARG B 320 -0.67 20.70 6.71
C ARG B 320 -1.88 21.36 6.08
N LEU B 321 -1.90 21.40 4.76
CA LEU B 321 -3.09 21.81 4.01
C LEU B 321 -3.94 20.59 3.71
N TYR B 322 -5.24 20.81 3.54
CA TYR B 322 -6.20 19.73 3.30
C TYR B 322 -6.98 20.00 2.02
N PRO B 323 -6.33 19.92 0.86
CA PRO B 323 -7.08 20.03 -0.39
C PRO B 323 -8.03 18.87 -0.61
N GLU B 324 -7.78 17.73 0.01
CA GLU B 324 -8.73 16.62 -0.02
C GLU B 324 -10.03 16.97 0.68
N ARG B 325 -10.03 17.98 1.55
CA ARG B 325 -11.23 18.36 2.28
C ARG B 325 -12.03 19.46 1.58
N LEU B 326 -11.40 20.22 0.69
CA LEU B 326 -12.09 21.30 0.00
C LEU B 326 -12.89 20.70 -1.15
N GLU B 327 -14.22 20.83 -1.08
CA GLU B 327 -15.07 20.33 -2.17
C GLU B 327 -14.93 21.17 -3.43
N GLN B 328 -14.51 22.43 -3.30
CA GLN B 328 -14.30 23.30 -4.44
C GLN B 328 -12.89 23.20 -5.02
N TRP B 329 -12.16 22.13 -4.69
CA TRP B 329 -10.80 21.95 -5.18
C TRP B 329 -10.79 21.82 -6.69
N PRO B 330 -10.00 22.62 -7.40
CA PRO B 330 -10.07 22.62 -8.87
C PRO B 330 -9.55 21.32 -9.48
N ASP B 331 -10.30 20.82 -10.46
CA ASP B 331 -9.87 19.67 -11.26
C ASP B 331 -8.52 19.96 -11.91
N GLY B 332 -7.74 18.89 -12.09
CA GLY B 332 -6.48 18.99 -12.80
C GLY B 332 -5.36 19.65 -12.03
N LEU B 333 -5.52 19.86 -10.73
CA LEU B 333 -4.49 20.47 -9.90
C LEU B 333 -4.10 19.50 -8.79
N LEU B 334 -2.81 19.30 -8.61
CA LEU B 334 -2.27 18.54 -7.49
C LEU B 334 -1.21 19.35 -6.78
N VAL B 335 -1.13 19.16 -5.46
CA VAL B 335 -0.14 19.82 -4.63
C VAL B 335 0.59 18.75 -3.84
N ILE B 336 1.92 18.71 -3.98
CA ILE B 336 2.74 17.69 -3.36
C ILE B 336 3.93 18.36 -2.66
N GLY B 337 4.66 17.55 -1.90
CA GLY B 337 5.88 18.02 -1.26
C GLY B 337 5.62 19.02 -0.14
N ASP B 338 6.65 19.82 0.13
CA ASP B 338 6.61 20.78 1.22
C ASP B 338 5.45 21.76 1.09
N SER B 339 5.00 22.02 -0.14
CA SER B 339 3.87 22.92 -0.33
C SER B 339 2.58 22.31 0.21
N LEU B 340 2.43 21.00 0.10
CA LEU B 340 1.25 20.34 0.64
C LEU B 340 1.33 20.26 2.16
N THR B 341 2.46 19.80 2.69
CA THR B 341 2.62 19.67 4.13
C THR B 341 4.10 19.74 4.47
N ALA B 342 4.43 20.52 5.50
CA ALA B 342 5.81 20.70 5.94
C ALA B 342 5.91 20.38 7.42
N PHE B 343 7.08 19.88 7.83
CA PHE B 343 7.27 19.35 9.17
C PHE B 343 8.51 19.96 9.81
N ASN B 344 8.55 19.90 11.14
CA ASN B 344 9.75 20.14 11.92
C ASN B 344 10.85 19.21 11.40
N PRO B 345 11.91 19.76 10.82
CA PRO B 345 12.93 18.92 10.19
C PRO B 345 13.76 18.10 11.18
N ILE B 346 13.65 18.35 12.49
CA ILE B 346 14.34 17.54 13.48
C ILE B 346 14.08 16.06 13.26
N TYR B 347 12.90 15.72 12.73
CA TYR B 347 12.52 14.34 12.49
C TYR B 347 12.82 13.85 11.07
N GLY B 348 13.25 14.75 10.18
CA GLY B 348 13.82 14.36 8.90
C GLY B 348 12.94 13.56 7.97
N HIS B 349 11.69 13.98 7.78
CA HIS B 349 10.74 13.24 6.96
C HIS B 349 10.33 13.95 5.68
N GLY B 350 10.75 15.19 5.48
CA GLY B 350 10.31 15.94 4.31
C GLY B 350 10.55 15.21 3.00
N MET B 351 11.75 14.65 2.83
CA MET B 351 12.07 13.96 1.59
C MET B 351 11.33 12.63 1.49
N SER B 352 11.20 11.92 2.62
CA SER B 352 10.45 10.66 2.62
C SER B 352 9.00 10.90 2.24
N SER B 353 8.43 12.03 2.69
CA SER B 353 7.06 12.34 2.34
C SER B 353 6.91 12.84 0.90
N ALA B 354 7.99 13.36 0.31
CA ALA B 354 7.99 13.65 -1.11
C ALA B 354 8.00 12.36 -1.93
N ALA B 355 8.90 11.43 -1.59
CA ALA B 355 8.92 10.13 -2.23
C ALA B 355 7.56 9.45 -2.15
N ARG B 356 6.86 9.63 -1.03
CA ARG B 356 5.53 9.05 -0.87
C ARG B 356 4.54 9.65 -1.86
N CYS B 357 4.61 10.98 -2.07
CA CYS B 357 3.63 11.64 -2.93
C CYS B 357 3.76 11.18 -4.38
N ALA B 358 4.99 11.04 -4.88
CA ALA B 358 5.17 10.55 -6.23
C ALA B 358 4.87 9.06 -6.31
N THR B 359 5.28 8.29 -5.30
CA THR B 359 4.90 6.89 -5.20
C THR B 359 3.38 6.73 -5.27
N THR B 360 2.65 7.58 -4.54
CA THR B 360 1.19 7.47 -4.54
C THR B 360 0.61 7.85 -5.90
N ILE B 361 1.18 8.87 -6.54
CA ILE B 361 0.75 9.23 -7.89
C ILE B 361 0.98 8.07 -8.85
N ASP B 362 2.17 7.48 -8.79
CA ASP B 362 2.49 6.38 -9.69
C ASP B 362 1.55 5.20 -9.53
N ARG B 363 1.09 4.95 -8.31
CA ARG B 363 0.36 3.72 -8.03
C ARG B 363 -1.14 3.87 -8.14
N GLU B 364 -1.66 5.10 -8.22
CA GLU B 364 -3.09 5.33 -8.41
C GLU B 364 -3.42 6.23 -9.58
N PHE B 365 -2.45 6.64 -10.39
CA PHE B 365 -2.74 7.50 -11.54
C PHE B 365 -3.71 6.80 -12.48
N GLU B 366 -3.35 5.59 -12.93
CA GLU B 366 -4.18 4.87 -13.89
C GLU B 366 -5.58 4.61 -13.31
N ARG B 367 -5.64 4.20 -12.05
CA ARG B 367 -6.94 3.91 -11.42
C ARG B 367 -7.82 5.15 -11.26
N SER B 368 -7.23 6.34 -11.18
CA SER B 368 -8.04 7.52 -10.84
C SER B 368 -8.53 8.29 -12.06
N VAL B 369 -7.68 8.52 -13.07
CA VAL B 369 -8.15 9.15 -14.29
C VAL B 369 -8.91 8.14 -15.13
N GLN B 370 -9.65 7.25 -14.46
CA GLN B 370 -10.55 6.30 -15.09
C GLN B 370 -11.71 5.99 -14.15
N ALA B 376 -15.54 14.67 -16.91
CA ALA B 376 -15.56 14.55 -15.46
C ALA B 376 -14.19 14.11 -14.94
N ARG B 377 -13.45 15.05 -14.35
CA ARG B 377 -12.17 14.75 -13.71
C ARG B 377 -12.36 14.40 -12.23
N ALA B 378 -13.15 13.36 -11.97
CA ALA B 378 -13.28 12.85 -10.62
C ALA B 378 -12.07 12.03 -10.18
N GLY B 379 -10.97 12.10 -10.93
CA GLY B 379 -9.75 11.38 -10.66
C GLY B 379 -8.68 12.18 -9.96
N THR B 380 -8.61 13.49 -10.26
CA THR B 380 -7.61 14.32 -9.59
C THR B 380 -7.97 14.53 -8.13
N ARG B 381 -9.26 14.64 -7.82
CA ARG B 381 -9.65 14.76 -6.42
C ARG B 381 -9.45 13.43 -5.69
N ALA B 382 -9.45 12.31 -6.43
CA ALA B 382 -9.11 11.03 -5.82
C ALA B 382 -7.61 10.92 -5.56
N LEU B 383 -6.80 11.35 -6.53
CA LEU B 383 -5.36 11.40 -6.33
C LEU B 383 -5.01 12.23 -5.11
N GLN B 384 -5.56 13.45 -5.03
CA GLN B 384 -5.24 14.34 -3.92
C GLN B 384 -5.68 13.74 -2.59
N LYS B 385 -6.72 12.91 -2.60
CA LYS B 385 -7.12 12.23 -1.37
C LYS B 385 -6.13 11.13 -1.01
N ALA B 386 -5.68 10.37 -2.01
CA ALA B 386 -4.67 9.35 -1.77
C ALA B 386 -3.35 9.97 -1.32
N ILE B 387 -2.97 11.10 -1.91
CA ILE B 387 -1.73 11.78 -1.52
C ILE B 387 -1.83 12.24 -0.07
N GLY B 388 -2.94 12.88 0.30
CA GLY B 388 -3.13 13.33 1.66
C GLY B 388 -2.97 12.21 2.68
N ALA B 389 -3.49 11.03 2.37
CA ALA B 389 -3.33 9.89 3.28
C ALA B 389 -1.87 9.51 3.42
N ALA B 390 -1.10 9.61 2.32
CA ALA B 390 0.30 9.19 2.34
C ALA B 390 1.14 10.08 3.25
N VAL B 391 0.73 11.32 3.48
CA VAL B 391 1.54 12.26 4.25
C VAL B 391 1.02 12.43 5.67
N ASP B 392 0.05 11.61 6.09
CA ASP B 392 -0.46 11.71 7.45
C ASP B 392 0.56 11.23 8.48
N ASP B 393 1.29 10.17 8.15
CA ASP B 393 2.25 9.59 9.10
C ASP B 393 3.31 10.60 9.55
N PRO B 394 4.02 11.29 8.66
CA PRO B 394 4.98 12.29 9.14
C PRO B 394 4.32 13.48 9.80
N TRP B 395 3.13 13.87 9.35
CA TRP B 395 2.44 15.00 9.98
C TRP B 395 2.22 14.77 11.46
N ILE B 396 1.61 13.63 11.84
CA ILE B 396 1.29 13.36 13.25
C ILE B 396 2.46 12.75 14.01
N LEU B 397 3.59 12.60 13.30
CA LEU B 397 4.87 12.13 13.90
C LEU B 397 5.66 13.39 14.29
N ALA B 398 5.42 14.50 13.59
CA ALA B 398 6.04 15.78 13.84
C ALA B 398 5.21 16.70 14.74
N ALA B 399 3.88 16.60 14.71
CA ALA B 399 2.97 17.40 15.52
C ALA B 399 2.85 16.89 16.94
N THR B 400 2.87 15.57 17.14
CA THR B 400 2.72 15.02 18.49
C THR B 400 3.92 15.34 19.37
N LYS B 401 5.13 15.22 18.84
CA LYS B 401 6.32 15.50 19.64
C LYS B 401 6.43 16.98 19.99
N ASP B 402 5.94 17.85 19.11
CA ASP B 402 6.11 19.29 19.24
C ASP B 402 4.96 19.98 19.98
N ILE B 403 3.80 19.34 20.04
CA ILE B 403 2.56 20.00 20.48
C ILE B 403 2.70 20.63 21.87
N ASP B 404 3.54 20.06 22.73
CA ASP B 404 3.58 20.45 24.13
C ASP B 404 4.80 21.26 24.51
N TYR B 405 5.62 21.65 23.53
CA TYR B 405 6.73 22.56 23.79
C TYR B 405 6.23 23.89 24.34
N VAL B 406 6.99 24.47 25.26
CA VAL B 406 6.78 25.86 25.64
C VAL B 406 6.74 26.70 24.38
N ASN B 407 5.85 27.70 24.37
CA ASN B 407 5.79 28.74 23.35
C ASN B 407 5.21 28.24 22.03
N CYS B 408 4.72 27.00 21.97
CA CYS B 408 4.27 26.42 20.72
C CYS B 408 2.93 27.03 20.33
N ARG B 409 2.89 27.67 19.15
CA ARG B 409 1.65 28.18 18.59
C ARG B 409 0.97 27.09 17.77
N VAL B 410 -0.29 26.81 18.09
CA VAL B 410 -1.02 25.69 17.49
C VAL B 410 -2.41 26.16 17.07
N SER B 411 -2.79 25.83 15.84
CA SER B 411 -4.12 26.14 15.28
C SER B 411 -4.48 24.94 14.40
N ALA B 412 -5.17 23.97 14.99
CA ALA B 412 -5.36 22.68 14.34
C ALA B 412 -6.72 22.09 14.70
N THR B 413 -7.29 21.35 13.75
CA THR B 413 -8.55 20.64 13.92
C THR B 413 -8.36 19.14 14.16
N ASP B 414 -7.12 18.65 14.17
CA ASP B 414 -6.87 17.23 14.28
C ASP B 414 -7.30 16.71 15.65
N PRO B 415 -8.27 15.80 15.73
CA PRO B 415 -8.74 15.33 17.05
C PRO B 415 -7.69 14.61 17.85
N ARG B 416 -6.67 14.04 17.19
CA ARG B 416 -5.60 13.33 17.89
C ARG B 416 -4.64 14.27 18.60
N LEU B 417 -4.80 15.57 18.43
CA LEU B 417 -4.00 16.57 19.12
C LEU B 417 -4.83 17.47 20.01
N ILE B 418 -6.04 17.82 19.58
CA ILE B 418 -6.81 18.83 20.29
C ILE B 418 -7.58 18.21 21.46
N GLY B 419 -8.04 16.98 21.31
CA GLY B 419 -8.85 16.36 22.35
C GLY B 419 -8.13 15.38 23.24
N VAL B 420 -6.83 15.58 23.45
CA VAL B 420 -5.99 14.61 24.14
C VAL B 420 -5.59 15.18 25.49
N ASP B 421 -5.50 14.30 26.49
CA ASP B 421 -5.08 14.65 27.84
C ASP B 421 -3.58 14.96 27.82
N THR B 422 -3.24 16.22 28.11
CA THR B 422 -1.86 16.64 27.92
C THR B 422 -0.91 15.76 28.73
N GLU B 423 -1.25 15.53 30.00
CA GLU B 423 -0.38 14.72 30.86
C GLU B 423 -0.32 13.27 30.37
N GLN B 424 -1.41 12.77 29.80
CA GLN B 424 -1.40 11.43 29.22
C GLN B 424 -0.43 11.34 28.04
N ARG B 425 -0.39 12.37 27.19
CA ARG B 425 0.54 12.37 26.05
C ARG B 425 1.98 12.42 26.52
N LEU B 426 2.22 13.25 27.54
CA LEU B 426 3.58 13.45 28.12
C LEU B 426 4.02 12.17 28.84
N ARG B 427 3.17 11.64 29.72
CA ARG B 427 3.52 10.42 30.44
C ARG B 427 3.88 9.30 29.48
N PHE B 428 3.11 9.17 28.40
CA PHE B 428 3.39 8.12 27.43
C PHE B 428 4.64 8.42 26.61
N ALA B 429 4.91 9.70 26.34
CA ALA B 429 6.10 10.07 25.58
C ALA B 429 7.37 9.62 26.28
N GLU B 430 7.47 9.87 27.59
CA GLU B 430 8.66 9.49 28.34
C GLU B 430 8.78 7.98 28.51
N ALA B 431 7.64 7.31 28.66
CA ALA B 431 7.66 5.85 28.72
C ALA B 431 8.23 5.25 27.44
N ILE B 432 7.80 5.76 26.29
CA ILE B 432 8.32 5.26 25.02
C ILE B 432 9.83 5.46 24.92
N THR B 433 10.29 6.67 25.22
CA THR B 433 11.72 6.97 25.13
C THR B 433 12.52 6.13 26.12
N ALA B 434 12.05 6.05 27.36
CA ALA B 434 12.74 5.23 28.36
C ALA B 434 12.81 3.76 27.91
N ALA B 435 11.77 3.30 27.21
CA ALA B 435 11.80 1.94 26.68
C ALA B 435 12.72 1.84 25.47
N SER B 436 12.67 2.84 24.58
CA SER B 436 13.41 2.75 23.32
C SER B 436 14.92 2.77 23.55
N ILE B 437 15.39 3.48 24.56
CA ILE B 437 16.83 3.60 24.77
C ILE B 437 17.43 2.38 25.45
N ARG B 438 16.63 1.54 26.09
CA ARG B 438 17.16 0.45 26.90
C ARG B 438 16.47 -0.89 26.68
N SER B 439 15.63 -1.03 25.65
CA SER B 439 15.02 -2.32 25.38
C SER B 439 15.02 -2.60 23.88
N PRO B 440 15.60 -3.74 23.44
CA PRO B 440 15.72 -3.99 22.00
C PRO B 440 14.37 -4.08 21.28
N LYS B 441 13.43 -4.84 21.82
CA LYS B 441 12.13 -5.00 21.15
C LYS B 441 11.39 -3.67 21.08
N ALA B 442 11.48 -2.86 22.15
CA ALA B 442 10.88 -1.54 22.12
C ALA B 442 11.67 -0.61 21.20
N SER B 443 12.97 -0.84 21.05
CA SER B 443 13.78 0.00 20.18
C SER B 443 13.44 -0.23 18.71
N GLU B 444 13.26 -1.49 18.31
CA GLU B 444 12.98 -1.80 16.91
C GLU B 444 11.69 -1.17 16.44
N ILE B 445 10.64 -1.23 17.27
CA ILE B 445 9.35 -0.66 16.88
C ILE B 445 9.46 0.86 16.74
N VAL B 446 10.17 1.50 17.67
CA VAL B 446 10.31 2.96 17.62
C VAL B 446 11.05 3.39 16.36
N THR B 447 12.16 2.71 16.05
CA THR B 447 12.91 3.04 14.83
C THR B 447 12.06 2.84 13.58
N ASP B 448 11.19 1.83 13.58
CA ASP B 448 10.24 1.66 12.49
C ASP B 448 9.37 2.88 12.34
N VAL B 449 8.90 3.42 13.46
CA VAL B 449 8.06 4.61 13.44
C VAL B 449 8.89 5.84 13.06
N MET B 450 10.08 5.99 13.66
CA MET B 450 10.89 7.18 13.41
C MET B 450 11.42 7.24 11.98
N SER B 451 11.72 6.08 11.38
CA SER B 451 12.11 6.02 9.98
C SER B 451 10.93 6.04 9.03
N LEU B 452 9.74 6.38 9.53
CA LEU B 452 8.53 6.52 8.71
C LEU B 452 8.10 5.20 8.07
N ASN B 453 8.42 4.07 8.70
CA ASN B 453 8.02 2.76 8.20
C ASN B 453 6.84 2.17 8.97
N ALA B 454 6.39 2.84 10.03
CA ALA B 454 5.24 2.39 10.79
C ALA B 454 4.51 3.63 11.27
N PRO B 455 3.18 3.64 11.29
CA PRO B 455 2.45 4.81 11.77
C PRO B 455 2.73 5.04 13.24
N GLN B 456 2.71 6.31 13.64
CA GLN B 456 2.91 6.65 15.04
C GLN B 456 1.92 5.97 15.97
N ALA B 457 0.71 5.68 15.47
CA ALA B 457 -0.29 4.99 16.29
C ALA B 457 0.14 3.59 16.67
N GLU B 458 1.20 3.05 16.04
CA GLU B 458 1.74 1.75 16.41
C GLU B 458 2.30 1.75 17.83
N LEU B 459 2.69 2.91 18.36
CA LEU B 459 3.23 2.97 19.71
C LEU B 459 2.14 2.95 20.78
N GLY B 460 0.87 2.84 20.40
CA GLY B 460 -0.20 2.59 21.34
C GLY B 460 -0.73 1.18 21.21
N SER B 461 -0.16 0.43 20.27
CA SER B 461 -0.58 -0.94 19.97
C SER B 461 -0.44 -1.86 21.18
N ASN B 462 -1.24 -2.93 21.17
CA ASN B 462 -1.04 -4.01 22.12
C ASN B 462 0.35 -4.64 21.95
N ARG B 463 0.77 -4.84 20.70
CA ARG B 463 2.11 -5.36 20.41
C ARG B 463 3.19 -4.54 21.13
N PHE B 464 3.13 -3.22 21.00
CA PHE B 464 4.17 -2.38 21.60
C PHE B 464 4.05 -2.31 23.11
N LEU B 465 2.81 -2.23 23.63
CA LEU B 465 2.63 -2.17 25.08
C LEU B 465 3.19 -3.40 25.77
N MET B 466 3.08 -4.57 25.14
CA MET B 466 3.61 -5.78 25.76
C MET B 466 5.11 -5.91 25.53
N ALA B 467 5.61 -5.42 24.39
CA ALA B 467 7.05 -5.29 24.23
C ALA B 467 7.63 -4.35 25.28
N MET B 468 6.96 -3.23 25.52
CA MET B 468 7.39 -2.27 26.54
C MET B 468 7.42 -2.90 27.93
N ARG B 469 6.52 -3.85 28.20
CA ARG B 469 6.38 -4.43 29.53
C ARG B 469 7.13 -5.74 29.70
N ALA B 470 7.23 -6.55 28.65
CA ALA B 470 7.81 -7.88 28.80
C ALA B 470 9.30 -7.94 28.48
N ASP B 471 9.80 -7.06 27.62
CA ASP B 471 11.20 -7.16 27.25
C ASP B 471 12.09 -6.66 28.38
N GLU B 472 13.33 -7.16 28.40
CA GLU B 472 14.32 -6.74 29.37
C GLU B 472 14.63 -5.26 29.23
N ARG B 473 15.09 -4.67 30.33
CA ARG B 473 15.58 -3.29 30.35
C ARG B 473 17.03 -3.35 30.80
N LEU B 474 17.94 -2.98 29.90
CA LEU B 474 19.36 -2.97 30.21
C LEU B 474 19.66 -1.86 31.21
N PRO B 475 20.80 -1.94 31.91
CA PRO B 475 21.12 -0.88 32.87
C PRO B 475 21.31 0.47 32.19
N GLU B 476 21.07 1.54 32.95
CA GLU B 476 21.30 2.89 32.47
C GLU B 476 22.78 3.09 32.12
N LEU B 477 23.02 3.68 30.94
CA LEU B 477 24.38 4.01 30.54
C LEU B 477 24.87 5.24 31.31
N THR B 478 26.00 5.08 32.00
CA THR B 478 26.64 6.15 32.76
C THR B 478 27.36 7.15 31.87
N ALA B 479 27.97 6.70 30.77
CA ALA B 479 28.76 7.51 29.87
C ALA B 479 28.24 7.31 28.45
N PRO B 480 28.49 8.27 27.55
CA PRO B 480 28.12 8.06 26.15
C PRO B 480 28.78 6.81 25.60
N PRO B 481 28.03 5.97 24.89
CA PRO B 481 28.56 4.63 24.52
C PRO B 481 29.44 4.66 23.28
N PHE B 482 30.65 5.18 23.43
CA PHE B 482 31.68 5.06 22.41
C PHE B 482 32.51 3.81 22.69
N LEU B 483 32.78 3.03 21.66
CA LEU B 483 33.81 2.01 21.78
C LEU B 483 35.17 2.70 21.93
N PRO B 484 36.12 2.06 22.62
CA PRO B 484 37.45 2.67 22.74
C PRO B 484 38.11 2.89 21.39
N GLU B 485 38.02 1.92 20.48
CA GLU B 485 38.48 2.11 19.11
C GLU B 485 37.96 3.42 18.52
N GLU B 486 36.68 3.73 18.74
CA GLU B 486 36.06 4.90 18.10
C GLU B 486 36.65 6.20 18.63
N LEU B 487 36.85 6.31 19.94
CA LEU B 487 37.45 7.51 20.51
C LEU B 487 38.89 7.70 20.03
N ALA B 488 39.57 6.62 19.69
CA ALA B 488 40.93 6.73 19.16
C ALA B 488 40.94 7.47 17.83
N VAL B 489 39.90 7.27 17.01
CA VAL B 489 39.85 7.89 15.69
C VAL B 489 39.77 9.41 15.81
N VAL B 490 39.14 9.93 16.85
CA VAL B 490 38.95 11.37 17.01
C VAL B 490 39.82 11.97 18.09
N GLY B 491 40.65 11.18 18.75
CA GLY B 491 41.59 11.70 19.73
C GLY B 491 40.94 12.28 20.98
N LEU B 492 40.05 11.51 21.60
CA LEU B 492 39.43 11.87 22.87
C LEU B 492 39.54 10.67 23.81
N ASP B 493 39.28 10.91 25.09
CA ASP B 493 39.00 9.80 25.99
C ASP B 493 38.09 10.26 27.12
N ALA B 494 38.01 9.44 28.17
CA ALA B 494 37.19 9.66 29.37
C ALA B 494 35.72 9.78 28.93
N ALA B 495 34.94 10.63 29.58
CA ALA B 495 33.53 10.81 29.24
C ALA B 495 33.35 11.89 28.18
PA FAD C . -17.15 -18.58 2.57
O1A FAD C . -18.34 -18.67 1.69
O2A FAD C . -15.85 -19.20 2.02
O5B FAD C . -17.41 -19.22 3.96
C5B FAD C . -18.39 -18.68 4.87
C4B FAD C . -18.18 -19.35 6.20
O4B FAD C . -19.07 -18.76 7.19
C3B FAD C . -18.45 -20.85 6.23
O3B FAD C . -17.47 -21.52 7.02
C2B FAD C . -19.85 -20.94 6.84
O2B FAD C . -20.02 -22.17 7.53
C1B FAD C . -19.81 -19.77 7.82
N9A FAD C . -21.12 -19.23 8.18
C8A FAD C . -22.10 -18.82 7.33
N7A FAD C . -23.18 -18.37 7.94
C5A FAD C . -22.86 -18.49 9.28
C6A FAD C . -23.58 -18.17 10.46
N6A FAD C . -24.81 -17.66 10.46
N1A FAD C . -22.98 -18.42 11.64
C2A FAD C . -21.75 -18.94 11.64
N3A FAD C . -20.98 -19.27 10.61
C4A FAD C . -21.60 -19.02 9.45
N1 FAD C . -11.69 -18.01 -5.08
C2 FAD C . -10.39 -18.03 -5.48
O2 FAD C . -9.54 -17.29 -4.96
N3 FAD C . -10.00 -18.87 -6.50
C4 FAD C . -10.82 -19.75 -7.18
O4 FAD C . -10.35 -20.46 -8.07
C4X FAD C . -12.20 -19.72 -6.75
N5 FAD C . -13.04 -20.52 -7.34
C5X FAD C . -14.36 -20.50 -6.91
C6 FAD C . -15.28 -21.35 -7.54
C7 FAD C . -16.62 -21.35 -7.16
C7M FAD C . -17.58 -22.28 -7.86
C8 FAD C . -17.06 -20.50 -6.14
C8M FAD C . -18.50 -20.48 -5.70
C9 FAD C . -16.14 -19.65 -5.51
C9A FAD C . -14.81 -19.65 -5.90
N10 FAD C . -13.86 -18.80 -5.29
C10 FAD C . -12.54 -18.81 -5.68
C1' FAD C . -14.25 -17.90 -4.19
C2' FAD C . -13.84 -18.44 -2.82
O2' FAD C . -14.41 -19.73 -2.60
C3' FAD C . -14.32 -17.47 -1.73
O3' FAD C . -14.08 -16.14 -2.15
C4' FAD C . -13.62 -17.72 -0.38
O4' FAD C . -14.07 -18.96 0.16
C5' FAD C . -13.86 -16.59 0.61
O5' FAD C . -15.20 -16.69 1.12
P FAD C . -15.55 -16.24 2.59
O1P FAD C . -14.44 -16.69 3.55
O2P FAD C . -15.84 -14.78 2.62
O3P FAD C . -16.86 -17.07 2.94
C01 YK6 D . -11.59 -12.57 -22.98
C02 YK6 D . -11.51 -11.16 -23.54
C04 YK6 D . -10.75 -9.22 -22.42
C05 YK6 D . -9.47 -9.78 -21.87
C06 YK6 D . -8.71 -9.25 -20.90
C07 YK6 D . -7.44 -9.96 -20.47
C08 YK6 D . -7.69 -11.47 -20.34
C09 YK6 D . -6.73 -12.30 -21.20
C10 YK6 D . -7.07 -13.62 -21.64
C11 YK6 D . -5.93 -14.57 -22.00
C12 YK6 D . -4.92 -14.80 -20.87
C13 YK6 D . -4.58 -16.27 -20.65
C14 YK6 D . -3.45 -16.72 -19.88
C15 YK6 D . -3.43 -18.15 -19.37
C17 YK6 D . -9.04 -7.98 -20.17
C18 YK6 D . -8.46 -14.23 -21.49
C19 YK6 D . -2.36 -15.80 -19.33
O03 YK6 D . -11.70 -10.26 -22.54
O16 YK6 D . -11.30 -10.90 -24.71
O20 YK6 D . -3.53 -16.67 -21.48
O21 YK6 D . -7.09 -12.30 -22.55
C1 GOL E . 6.31 -20.07 -27.04
O1 GOL E . 6.85 -19.81 -28.29
C2 GOL E . 7.42 -19.77 -26.00
O2 GOL E . 8.39 -20.75 -25.98
C3 GOL E . 7.99 -18.39 -26.41
O3 GOL E . 9.07 -18.15 -25.58
CL CL F . -20.87 -23.45 -4.70
PA FAD G . 11.75 22.50 -2.00
O1A FAD G . 11.61 23.56 -0.98
O2A FAD G . 12.80 21.43 -1.68
O5B FAD G . 12.07 23.11 -3.42
C5B FAD G . 11.12 23.95 -4.11
C4B FAD G . 11.58 24.12 -5.54
O4B FAD G . 10.60 24.86 -6.29
C3B FAD G . 12.92 24.85 -5.71
O3B FAD G . 13.70 24.22 -6.72
C2B FAD G . 12.49 26.26 -6.12
O2B FAD G . 13.46 26.90 -6.93
C1B FAD G . 11.23 25.96 -6.93
N9A FAD G . 10.27 27.06 -6.99
C8A FAD G . 9.73 27.75 -5.94
N7A FAD G . 8.89 28.70 -6.29
C5A FAD G . 8.88 28.62 -7.67
C6A FAD G . 8.18 29.36 -8.66
N6A FAD G . 7.34 30.35 -8.38
N1A FAD G . 8.40 29.04 -9.95
C2A FAD G . 9.25 28.05 -10.23
N3A FAD G . 9.95 27.28 -9.39
C4A FAD G . 9.72 27.63 -8.12
N1 FAD G . 13.90 16.52 4.89
C2 FAD G . 14.35 15.25 5.13
O2 FAD G . 13.86 14.26 4.57
N3 FAD G . 15.40 15.07 6.02
C4 FAD G . 16.06 16.05 6.72
O4 FAD G . 16.97 15.76 7.50
C4X FAD G . 15.56 17.39 6.46
N5 FAD G . 16.12 18.39 7.08
C5X FAD G . 15.65 19.67 6.82
C6 FAD G . 16.25 20.75 7.47
C7 FAD G . 15.80 22.05 7.26
C7M FAD G . 16.46 23.18 7.99
C8 FAD G . 14.74 22.28 6.36
C8M FAD G . 14.24 23.68 6.11
C9 FAD G . 14.15 21.21 5.71
C9A FAD G . 14.59 19.91 5.93
N10 FAD G . 14.01 18.80 5.28
C10 FAD G . 14.47 17.53 5.51
C1' FAD G . 12.91 18.97 4.32
C2' FAD G . 13.38 18.85 2.87
O2' FAD G . 14.40 19.79 2.59
C3' FAD G . 12.19 19.08 1.93
O3' FAD G . 11.05 18.40 2.43
C4' FAD G . 12.46 18.60 0.51
O4' FAD G . 13.45 19.43 -0.10
C5' FAD G . 11.21 18.55 -0.35
O5' FAD G . 10.78 19.90 -0.64
P FAD G . 10.03 20.24 -1.98
O1P FAD G . 10.63 19.45 -3.15
O2P FAD G . 8.57 20.05 -1.79
O3P FAD G . 10.34 21.78 -2.22
#